data_1LMK
#
_entry.id   1LMK
#
_cell.length_a   72.140
_cell.length_b   80.710
_cell.length_c   88.010
_cell.angle_alpha   90.00
_cell.angle_beta   99.81
_cell.angle_gamma   90.00
#
_symmetry.space_group_name_H-M   'P 1 21 1'
#
loop_
_entity.id
_entity.type
_entity.pdbx_description
1 polymer 'ANTI-PHOSPHATIDYLINOSITOL SPECIFIC PHOSPHOLIPASE C DIABODY'
2 water water
#
_entity_poly.entity_id   1
_entity_poly.type   'polypeptide(L)'
_entity_poly.pdbx_seq_one_letter_code
;VQLQQSGTELMKPGRSLKISCKTTGYIFSNYWIEWVKQRPGHGLEWIGKILPGGGSNTYNDKFKGKATFTADTSSNIAYM
QLSSLTSEDSAVYYCARGEDYYAYWYVLDYWGQGTTVTVSSGGGGSDIELTQSPLSLPVSLGDQASISCRSSQSLVHSNG
NTSLHWYLKKPGQSPKLLIYKVSTRFSGVPDRFSGSGSGTDFTLKISRVEAEDLGVYFCSQSTHVPFTFGSGTKLELK
;
_entity_poly.pdbx_strand_id   A,C,E,G
#
# COMPACT_ATOMS: atom_id res chain seq x y z
N VAL A 1 -34.75 21.54 -19.73
CA VAL A 1 -34.34 20.37 -20.50
C VAL A 1 -34.53 19.02 -19.75
N GLN A 2 -34.99 17.98 -20.47
CA GLN A 2 -35.23 16.64 -19.88
C GLN A 2 -34.58 15.66 -20.83
N LEU A 3 -33.75 14.75 -20.30
CA LEU A 3 -33.08 13.69 -21.07
C LEU A 3 -33.60 12.40 -20.44
N GLN A 4 -34.39 11.63 -21.17
CA GLN A 4 -34.95 10.45 -20.62
C GLN A 4 -34.57 9.25 -21.44
N GLN A 5 -34.04 8.22 -20.78
CA GLN A 5 -33.52 6.98 -21.41
C GLN A 5 -34.49 5.79 -21.28
N SER A 6 -34.20 4.74 -22.07
CA SER A 6 -34.97 3.50 -21.97
C SER A 6 -34.63 2.76 -20.66
N GLY A 7 -35.49 1.84 -20.26
CA GLY A 7 -35.34 1.09 -19.02
C GLY A 7 -34.27 0.00 -18.90
N THR A 8 -34.16 -0.57 -17.69
CA THR A 8 -33.17 -1.61 -17.43
C THR A 8 -33.27 -2.77 -18.40
N GLU A 9 -32.10 -3.22 -18.86
CA GLU A 9 -32.01 -4.33 -19.81
C GLU A 9 -31.25 -5.56 -19.32
N LEU A 10 -31.90 -6.73 -19.33
CA LEU A 10 -31.20 -7.97 -18.93
C LEU A 10 -30.82 -8.75 -20.23
N MET A 11 -29.58 -8.64 -20.68
CA MET A 11 -29.08 -9.25 -21.93
C MET A 11 -28.29 -10.55 -21.85
N LYS A 12 -28.21 -11.27 -22.96
CA LYS A 12 -27.43 -12.50 -23.01
C LYS A 12 -26.09 -12.06 -23.57
N PRO A 13 -25.00 -12.74 -23.21
CA PRO A 13 -23.70 -12.32 -23.76
C PRO A 13 -23.79 -12.48 -25.26
N GLY A 14 -23.15 -11.61 -26.02
CA GLY A 14 -23.33 -11.70 -27.46
C GLY A 14 -24.50 -10.79 -27.92
N ARG A 15 -25.58 -10.69 -27.14
CA ARG A 15 -26.69 -9.81 -27.49
C ARG A 15 -26.13 -8.45 -27.92
N SER A 16 -26.95 -7.69 -28.63
CA SER A 16 -26.50 -6.37 -29.00
C SER A 16 -27.60 -5.58 -28.45
N LEU A 17 -27.33 -4.34 -28.12
CA LEU A 17 -28.42 -3.54 -27.57
C LEU A 17 -28.23 -2.07 -27.88
N LYS A 18 -29.35 -1.40 -28.15
CA LYS A 18 -29.34 0.02 -28.44
C LYS A 18 -30.23 0.58 -27.41
N ILE A 19 -29.77 1.63 -26.75
CA ILE A 19 -30.56 2.34 -25.73
C ILE A 19 -30.72 3.79 -26.24
N SER A 20 -31.90 4.35 -26.01
CA SER A 20 -32.22 5.68 -26.49
C SER A 20 -32.12 6.70 -25.40
N CYS A 21 -32.12 7.93 -25.88
CA CYS A 21 -32.05 9.11 -25.04
C CYS A 21 -32.99 10.20 -25.56
N LYS A 22 -34.19 10.22 -25.02
CA LYS A 22 -35.16 11.21 -25.43
C LYS A 22 -34.92 12.56 -24.74
N THR A 23 -34.37 13.52 -25.48
CA THR A 23 -34.15 14.85 -24.95
C THR A 23 -35.37 15.80 -25.20
N THR A 24 -35.53 16.80 -24.34
CA THR A 24 -36.57 17.83 -24.42
C THR A 24 -36.06 19.12 -23.82
N GLY A 25 -36.87 20.16 -23.95
CA GLY A 25 -36.52 21.47 -23.42
C GLY A 25 -35.50 22.35 -24.14
N TYR A 26 -34.88 21.86 -25.21
CA TYR A 26 -33.90 22.69 -25.90
C TYR A 26 -33.72 22.29 -27.39
N ILE A 27 -32.97 23.07 -28.17
CA ILE A 27 -32.81 22.72 -29.60
C ILE A 27 -31.84 21.55 -29.75
N PHE A 28 -32.42 20.37 -29.97
CA PHE A 28 -31.67 19.12 -30.09
C PHE A 28 -30.39 19.14 -30.84
N SER A 29 -30.27 20.04 -31.79
CA SER A 29 -29.08 20.06 -32.61
C SER A 29 -28.02 21.09 -32.29
N ASN A 30 -28.21 21.83 -31.21
CA ASN A 30 -27.27 22.86 -30.79
C ASN A 30 -26.22 22.29 -29.86
N TYR A 31 -26.55 21.16 -29.22
CA TYR A 31 -25.67 20.51 -28.31
C TYR A 31 -25.40 19.08 -28.72
N TRP A 32 -24.18 18.61 -28.32
CA TRP A 32 -23.72 17.21 -28.50
C TRP A 32 -24.27 16.37 -27.37
N ILE A 33 -24.73 15.17 -27.70
CA ILE A 33 -25.18 14.24 -26.66
C ILE A 33 -23.96 13.36 -26.33
N GLU A 34 -23.57 13.34 -25.04
CA GLU A 34 -22.39 12.56 -24.63
C GLU A 34 -22.76 11.42 -23.69
N TRP A 35 -22.11 10.26 -23.90
CA TRP A 35 -22.34 9.03 -23.10
C TRP A 35 -21.32 8.63 -21.96
N VAL A 36 -21.86 8.11 -20.86
CA VAL A 36 -21.04 7.78 -19.70
C VAL A 36 -21.40 6.44 -19.11
N LYS A 37 -20.36 5.66 -18.88
CA LYS A 37 -20.52 4.33 -18.30
C LYS A 37 -20.15 4.46 -16.82
N GLN A 38 -20.83 3.70 -15.99
CA GLN A 38 -20.58 3.69 -14.57
C GLN A 38 -20.78 2.24 -14.17
N ARG A 39 -19.66 1.54 -14.12
CA ARG A 39 -19.59 0.12 -13.79
C ARG A 39 -19.53 -0.09 -12.29
N PRO A 40 -20.20 -1.13 -11.78
CA PRO A 40 -20.18 -1.38 -10.34
C PRO A 40 -18.75 -1.46 -9.79
N GLY A 41 -18.50 -0.71 -8.72
CA GLY A 41 -17.18 -0.68 -8.14
C GLY A 41 -16.18 0.07 -9.01
N HIS A 42 -16.66 0.86 -9.97
CA HIS A 42 -15.71 1.62 -10.77
C HIS A 42 -16.10 3.06 -10.82
N GLY A 43 -15.15 3.86 -11.27
CA GLY A 43 -15.36 5.29 -11.39
C GLY A 43 -16.23 5.56 -12.58
N LEU A 44 -16.27 6.81 -13.00
CA LEU A 44 -17.12 7.11 -14.10
C LEU A 44 -16.23 7.14 -15.32
N GLU A 45 -16.72 6.62 -16.44
CA GLU A 45 -15.99 6.69 -17.70
C GLU A 45 -16.86 7.38 -18.77
N TRP A 46 -16.16 7.97 -19.72
CA TRP A 46 -16.75 8.70 -20.85
C TRP A 46 -16.64 7.80 -22.14
N ILE A 47 -17.78 7.41 -22.69
CA ILE A 47 -17.79 6.53 -23.86
C ILE A 47 -17.53 7.31 -25.12
N GLY A 48 -18.15 8.48 -25.23
CA GLY A 48 -18.01 9.37 -26.38
C GLY A 48 -19.22 10.32 -26.53
N LYS A 49 -19.44 10.80 -27.76
CA LYS A 49 -20.50 11.80 -28.07
C LYS A 49 -20.95 11.89 -29.56
N ILE A 50 -22.16 12.38 -29.72
CA ILE A 50 -22.72 12.59 -31.07
C ILE A 50 -23.32 14.01 -31.26
N LEU A 51 -23.15 14.57 -32.44
CA LEU A 51 -23.74 15.88 -32.71
C LEU A 51 -24.92 15.64 -33.65
N PRO A 52 -26.17 15.78 -33.17
CA PRO A 52 -27.33 15.55 -34.05
C PRO A 52 -27.34 16.43 -35.31
N GLY A 53 -27.84 15.84 -36.41
CA GLY A 53 -27.88 16.52 -37.69
C GLY A 53 -26.73 16.10 -38.60
N GLY A 54 -25.53 16.50 -38.25
CA GLY A 54 -24.41 16.08 -39.06
C GLY A 54 -24.03 14.68 -38.65
N GLY A 55 -24.28 14.34 -37.39
CA GLY A 55 -23.97 13.02 -36.87
C GLY A 55 -22.47 12.85 -36.62
N SER A 56 -21.80 13.98 -36.56
CA SER A 56 -20.38 14.06 -36.31
C SER A 56 -20.20 13.20 -35.06
N ASN A 57 -19.01 12.59 -34.95
CA ASN A 57 -18.73 11.63 -33.89
C ASN A 57 -17.39 11.67 -33.23
N THR A 58 -17.37 11.32 -31.94
CA THR A 58 -16.14 11.23 -31.19
C THR A 58 -16.16 10.12 -30.12
N TYR A 59 -15.31 9.11 -30.30
CA TYR A 59 -15.25 7.99 -29.34
C TYR A 59 -14.02 7.98 -28.43
N ASN A 60 -14.19 7.47 -27.21
CA ASN A 60 -13.05 7.31 -26.31
C ASN A 60 -12.42 6.07 -26.96
N ASP A 61 -11.13 6.07 -27.22
CA ASP A 61 -10.47 4.92 -27.85
C ASP A 61 -10.91 3.56 -27.28
N LYS A 62 -11.01 3.51 -25.96
CA LYS A 62 -11.38 2.30 -25.26
C LYS A 62 -12.74 1.76 -25.71
N PHE A 63 -13.62 2.66 -26.16
CA PHE A 63 -14.98 2.28 -26.55
C PHE A 63 -15.29 2.09 -27.99
N LYS A 64 -14.33 2.45 -28.83
CA LYS A 64 -14.41 2.19 -30.26
C LYS A 64 -14.58 0.64 -30.39
N GLY A 65 -15.59 0.16 -31.12
CA GLY A 65 -15.79 -1.28 -31.27
C GLY A 65 -16.84 -1.80 -30.33
N LYS A 66 -17.27 -0.95 -29.42
CA LYS A 66 -18.29 -1.34 -28.48
C LYS A 66 -19.47 -0.41 -28.65
N ALA A 67 -19.18 0.90 -28.64
CA ALA A 67 -20.25 1.91 -28.73
C ALA A 67 -20.49 2.43 -30.13
N THR A 68 -21.75 2.48 -30.49
CA THR A 68 -22.08 3.03 -31.79
C THR A 68 -23.23 4.00 -31.62
N PHE A 69 -22.95 5.24 -32.01
CA PHE A 69 -23.91 6.36 -31.90
C PHE A 69 -24.74 6.77 -33.13
N THR A 70 -25.99 7.14 -32.87
CA THR A 70 -26.88 7.69 -33.90
C THR A 70 -27.80 8.73 -33.27
N ALA A 71 -28.43 9.56 -34.11
CA ALA A 71 -29.34 10.62 -33.61
C ALA A 71 -30.49 10.98 -34.57
N ASP A 72 -31.70 10.76 -34.06
CA ASP A 72 -32.93 11.03 -34.78
C ASP A 72 -33.25 12.51 -34.74
N THR A 73 -32.85 13.22 -35.78
CA THR A 73 -33.11 14.65 -35.89
C THR A 73 -34.58 14.94 -36.03
N SER A 74 -35.42 13.91 -36.16
CA SER A 74 -36.85 14.15 -36.27
C SER A 74 -37.54 13.83 -34.96
N SER A 75 -37.16 12.75 -34.29
CA SER A 75 -37.81 12.44 -33.02
C SER A 75 -37.13 13.09 -31.83
N ASN A 76 -35.89 13.50 -32.08
CA ASN A 76 -35.09 14.17 -31.03
C ASN A 76 -34.64 13.15 -30.00
N ILE A 77 -34.33 11.97 -30.50
CA ILE A 77 -33.87 10.91 -29.63
C ILE A 77 -32.47 10.48 -30.04
N ALA A 78 -31.59 10.40 -29.04
CA ALA A 78 -30.20 9.94 -29.24
C ALA A 78 -30.19 8.46 -28.92
N TYR A 79 -29.38 7.71 -29.65
CA TYR A 79 -29.28 6.25 -29.46
C TYR A 79 -27.85 5.76 -29.28
N MET A 80 -27.67 4.77 -28.41
CA MET A 80 -26.36 4.17 -28.19
C MET A 80 -26.44 2.65 -28.30
N GLN A 81 -25.62 2.11 -29.17
CA GLN A 81 -25.57 0.67 -29.34
C GLN A 81 -24.23 0.00 -28.94
N LEU A 82 -24.37 -0.96 -28.05
CA LEU A 82 -23.27 -1.74 -27.53
C LEU A 82 -23.31 -3.12 -28.24
N SER A 83 -22.23 -3.38 -28.97
CA SER A 83 -22.00 -4.58 -29.74
C SER A 83 -21.60 -5.76 -28.84
N SER A 84 -21.73 -7.00 -29.37
CA SER A 84 -21.41 -8.30 -28.71
C SER A 84 -21.07 -8.19 -27.21
N LEU A 85 -22.12 -8.12 -26.41
CA LEU A 85 -22.01 -7.96 -24.98
C LEU A 85 -21.36 -9.08 -24.15
N THR A 86 -20.51 -8.62 -23.23
CA THR A 86 -19.80 -9.44 -22.28
C THR A 86 -20.09 -8.75 -20.96
N SER A 87 -19.94 -9.46 -19.87
CA SER A 87 -20.26 -8.92 -18.55
C SER A 87 -19.54 -7.59 -18.14
N GLU A 88 -18.49 -7.18 -18.84
CA GLU A 88 -17.79 -5.95 -18.48
C GLU A 88 -18.63 -4.77 -18.94
N ASP A 89 -19.67 -5.12 -19.71
CA ASP A 89 -20.64 -4.21 -20.24
C ASP A 89 -21.74 -4.01 -19.19
N SER A 90 -21.80 -4.88 -18.19
CA SER A 90 -22.78 -4.71 -17.15
C SER A 90 -22.35 -3.43 -16.39
N ALA A 91 -23.18 -2.38 -16.52
CA ALA A 91 -22.93 -1.06 -15.93
C ALA A 91 -24.17 -0.22 -16.07
N VAL A 92 -24.07 1.03 -15.61
CA VAL A 92 -25.18 1.95 -15.79
C VAL A 92 -24.63 2.91 -16.82
N TYR A 93 -25.43 3.16 -17.84
CA TYR A 93 -25.01 4.10 -18.87
C TYR A 93 -25.89 5.38 -18.76
N TYR A 94 -25.28 6.49 -19.12
CA TYR A 94 -25.95 7.77 -19.06
C TYR A 94 -25.70 8.61 -20.30
N CYS A 95 -26.72 9.39 -20.67
CA CYS A 95 -26.61 10.34 -21.76
C CYS A 95 -26.69 11.68 -21.00
N ALA A 96 -25.80 12.59 -21.36
CA ALA A 96 -25.74 13.89 -20.75
C ALA A 96 -25.77 14.93 -21.88
N ARG A 97 -26.39 16.08 -21.65
CA ARG A 97 -26.30 17.10 -22.69
C ARG A 97 -24.92 17.77 -22.42
N GLY A 98 -24.00 17.69 -23.35
CA GLY A 98 -22.70 18.29 -23.15
C GLY A 98 -22.39 19.53 -23.98
N GLU A 99 -21.28 19.48 -24.74
CA GLU A 99 -20.80 20.59 -25.58
C GLU A 99 -21.89 21.17 -26.51
N ASP A 100 -21.79 22.48 -26.83
CA ASP A 100 -22.76 23.15 -27.72
C ASP A 100 -22.11 23.18 -29.07
N TYR A 101 -22.89 23.43 -30.13
CA TYR A 101 -22.40 23.47 -31.52
C TYR A 101 -21.31 24.48 -31.69
N TYR A 102 -21.50 25.63 -31.09
CA TYR A 102 -20.47 26.63 -31.20
C TYR A 102 -19.13 26.30 -30.49
N ALA A 103 -19.18 25.41 -29.49
CA ALA A 103 -17.98 24.96 -28.80
C ALA A 103 -17.27 25.93 -27.85
N TYR A 104 -18.02 26.67 -27.04
CA TYR A 104 -17.40 27.56 -26.08
C TYR A 104 -17.97 27.08 -24.74
N TRP A 105 -19.00 26.23 -24.84
CA TRP A 105 -19.67 25.63 -23.68
C TRP A 105 -19.43 24.16 -23.81
N TYR A 106 -18.97 23.57 -22.72
CA TYR A 106 -18.72 22.13 -22.66
C TYR A 106 -18.91 21.75 -21.24
N VAL A 107 -20.12 21.33 -20.86
CA VAL A 107 -20.35 20.97 -19.49
C VAL A 107 -21.44 19.90 -19.50
N LEU A 108 -21.24 18.75 -18.84
CA LEU A 108 -22.27 17.77 -18.86
C LEU A 108 -23.20 18.20 -17.78
N ASP A 109 -24.15 19.08 -18.12
CA ASP A 109 -25.10 19.58 -17.11
C ASP A 109 -26.38 18.82 -16.83
N TYR A 110 -27.08 18.43 -17.90
CA TYR A 110 -28.36 17.68 -17.78
C TYR A 110 -28.01 16.29 -18.13
N TRP A 111 -28.43 15.38 -17.26
CA TRP A 111 -28.15 13.96 -17.35
C TRP A 111 -29.43 13.11 -17.46
N GLY A 112 -29.43 12.08 -18.30
CA GLY A 112 -30.62 11.23 -18.30
C GLY A 112 -30.48 10.41 -17.03
N GLN A 113 -31.53 9.71 -16.58
CA GLN A 113 -31.47 8.88 -15.37
C GLN A 113 -30.63 7.57 -15.39
N GLY A 114 -29.97 7.26 -16.49
CA GLY A 114 -29.20 6.04 -16.48
C GLY A 114 -29.99 4.80 -16.83
N THR A 115 -29.33 3.97 -17.61
CA THR A 115 -29.91 2.72 -18.02
C THR A 115 -28.97 1.66 -17.50
N THR A 116 -29.54 0.78 -16.69
CA THR A 116 -28.82 -0.35 -16.10
C THR A 116 -28.85 -1.51 -17.08
N VAL A 117 -27.68 -1.89 -17.57
CA VAL A 117 -27.57 -3.02 -18.49
C VAL A 117 -26.92 -4.15 -17.70
N THR A 118 -27.63 -5.26 -17.59
CA THR A 118 -27.12 -6.44 -16.91
C THR A 118 -26.98 -7.60 -17.90
N VAL A 119 -25.73 -7.93 -18.19
CA VAL A 119 -25.36 -9.01 -19.08
C VAL A 119 -25.41 -10.33 -18.29
N SER A 120 -26.33 -11.23 -18.62
CA SER A 120 -26.48 -12.50 -17.93
C SER A 120 -25.41 -13.54 -18.20
N SER A 121 -24.19 -13.31 -17.70
CA SER A 121 -23.05 -14.25 -17.89
C SER A 121 -23.11 -15.45 -16.95
N GLY A 122 -24.20 -15.61 -16.22
CA GLY A 122 -24.35 -16.71 -15.30
C GLY A 122 -23.44 -16.56 -14.11
N GLY A 123 -22.92 -17.68 -13.61
CA GLY A 123 -22.04 -17.65 -12.46
C GLY A 123 -21.73 -19.06 -11.99
N GLY A 124 -20.56 -19.56 -12.37
CA GLY A 124 -20.16 -20.90 -11.97
C GLY A 124 -19.66 -20.89 -10.53
N GLY A 125 -20.54 -20.53 -9.61
CA GLY A 125 -20.17 -20.49 -8.20
C GLY A 125 -19.03 -19.51 -7.94
N SER A 126 -18.37 -19.68 -6.81
CA SER A 126 -17.24 -18.82 -6.45
C SER A 126 -15.99 -19.41 -7.09
N ASP A 127 -15.47 -18.70 -8.07
CA ASP A 127 -14.28 -19.13 -8.82
C ASP A 127 -13.13 -19.26 -7.83
N ILE A 128 -12.37 -20.36 -7.93
CA ILE A 128 -11.25 -20.64 -7.00
C ILE A 128 -10.16 -19.61 -7.03
N GLU A 129 -10.04 -18.93 -5.91
CA GLU A 129 -8.99 -17.94 -5.80
C GLU A 129 -7.72 -18.60 -5.29
N LEU A 130 -6.66 -18.42 -6.06
CA LEU A 130 -5.33 -18.93 -5.80
C LEU A 130 -4.39 -17.76 -5.40
N THR A 131 -4.20 -17.59 -4.11
CA THR A 131 -3.34 -16.54 -3.58
C THR A 131 -1.88 -17.02 -3.48
N GLN A 132 -1.02 -16.47 -4.31
CA GLN A 132 0.41 -16.80 -4.33
C GLN A 132 1.13 -15.89 -3.34
N SER A 133 2.28 -16.32 -2.85
CA SER A 133 3.03 -15.54 -1.87
C SER A 133 4.47 -15.94 -1.86
N PRO A 134 5.38 -14.97 -1.95
CA PRO A 134 5.20 -13.52 -2.04
C PRO A 134 4.90 -13.16 -3.51
N LEU A 135 4.69 -11.88 -3.76
CA LEU A 135 4.43 -11.42 -5.11
C LEU A 135 5.72 -11.11 -5.80
N SER A 136 6.70 -10.69 -5.05
CA SER A 136 8.00 -10.39 -5.61
C SER A 136 9.05 -11.16 -4.82
N LEU A 137 10.02 -11.75 -5.53
CA LEU A 137 11.04 -12.53 -4.86
C LEU A 137 12.45 -12.40 -5.40
N PRO A 138 13.22 -11.44 -4.86
CA PRO A 138 14.61 -11.03 -5.15
C PRO A 138 15.56 -12.03 -4.53
N VAL A 139 16.49 -12.53 -5.34
CA VAL A 139 17.41 -13.56 -4.89
C VAL A 139 18.75 -13.34 -5.49
N SER A 140 19.64 -14.31 -5.33
CA SER A 140 20.98 -14.27 -5.91
C SER A 140 21.07 -15.61 -6.67
N LEU A 141 21.58 -15.62 -7.89
CA LEU A 141 21.63 -16.89 -8.59
C LEU A 141 22.38 -17.81 -7.67
N GLY A 142 21.79 -18.96 -7.41
CA GLY A 142 22.41 -19.93 -6.54
C GLY A 142 21.56 -20.19 -5.32
N ASP A 143 20.88 -19.16 -4.86
CA ASP A 143 19.99 -19.23 -3.70
C ASP A 143 18.89 -20.22 -4.03
N GLN A 144 18.15 -20.56 -3.00
CA GLN A 144 17.01 -21.45 -3.13
C GLN A 144 15.85 -20.48 -2.86
N ALA A 145 14.73 -20.72 -3.53
CA ALA A 145 13.56 -19.90 -3.34
C ALA A 145 12.37 -20.85 -3.33
N SER A 146 11.37 -20.49 -2.58
CA SER A 146 10.18 -21.27 -2.54
C SER A 146 9.02 -20.29 -2.74
N ILE A 147 8.01 -20.71 -3.48
CA ILE A 147 6.90 -19.80 -3.70
C ILE A 147 5.73 -20.53 -3.15
N SER A 148 4.79 -19.79 -2.58
CA SER A 148 3.61 -20.38 -1.98
C SER A 148 2.34 -20.05 -2.81
N CYS A 149 1.34 -20.93 -2.76
CA CYS A 149 0.09 -20.76 -3.48
C CYS A 149 -0.93 -21.37 -2.52
N ARG A 150 -1.98 -20.60 -2.23
CA ARG A 150 -3.02 -20.99 -1.29
C ARG A 150 -4.38 -20.85 -2.02
N SER A 151 -5.17 -21.90 -2.03
CA SER A 151 -6.46 -21.88 -2.72
C SER A 151 -7.62 -21.67 -1.75
N SER A 152 -8.74 -21.14 -2.25
CA SER A 152 -9.87 -20.89 -1.37
C SER A 152 -10.61 -22.14 -0.99
N GLN A 153 -10.42 -23.19 -1.75
CA GLN A 153 -11.13 -24.42 -1.46
C GLN A 153 -10.08 -25.48 -1.74
N SER A 154 -10.27 -26.65 -1.13
CA SER A 154 -9.39 -27.81 -1.29
C SER A 154 -9.33 -28.16 -2.76
N LEU A 155 -8.14 -28.25 -3.36
CA LEU A 155 -8.10 -28.62 -4.76
C LEU A 155 -8.15 -30.11 -4.96
N VAL A 156 -8.61 -30.87 -3.95
CA VAL A 156 -8.67 -32.32 -4.06
C VAL A 156 -9.92 -32.73 -4.75
N HIS A 157 -9.75 -33.29 -5.95
CA HIS A 157 -10.85 -33.80 -6.77
C HIS A 157 -11.31 -35.16 -6.16
N SER A 158 -12.53 -35.56 -6.51
CA SER A 158 -13.08 -36.83 -6.04
C SER A 158 -12.46 -38.02 -6.72
N ASN A 159 -11.77 -37.79 -7.83
CA ASN A 159 -11.16 -38.93 -8.51
C ASN A 159 -9.90 -39.27 -7.73
N GLY A 160 -9.60 -38.40 -6.75
CA GLY A 160 -8.45 -38.53 -5.88
C GLY A 160 -7.27 -37.63 -6.21
N ASN A 161 -7.19 -37.07 -7.41
CA ASN A 161 -6.10 -36.17 -7.73
C ASN A 161 -6.23 -34.80 -7.11
N THR A 162 -5.18 -34.00 -7.28
CA THR A 162 -5.16 -32.63 -6.81
C THR A 162 -4.56 -31.90 -8.00
N SER A 163 -5.39 -31.06 -8.55
CA SER A 163 -5.04 -30.38 -9.77
C SER A 163 -4.44 -29.02 -9.58
N LEU A 164 -3.17 -29.04 -9.15
CA LEU A 164 -2.35 -27.86 -8.92
C LEU A 164 -1.08 -27.96 -9.75
N HIS A 165 -0.81 -26.95 -10.57
CA HIS A 165 0.35 -26.98 -11.46
C HIS A 165 1.06 -25.63 -11.39
N TRP A 166 2.30 -25.61 -11.80
CA TRP A 166 3.05 -24.42 -11.72
C TRP A 166 3.63 -24.23 -13.09
N TYR A 167 3.62 -22.96 -13.53
CA TYR A 167 4.12 -22.55 -14.82
C TYR A 167 5.10 -21.48 -14.55
N LEU A 168 5.99 -21.26 -15.52
CA LEU A 168 6.98 -20.19 -15.50
C LEU A 168 6.71 -19.37 -16.76
N LYS A 169 6.56 -18.07 -16.60
CA LYS A 169 6.27 -17.18 -17.71
C LYS A 169 7.41 -16.23 -17.95
N LYS A 170 8.07 -16.37 -19.09
CA LYS A 170 9.18 -15.51 -19.47
C LYS A 170 8.79 -14.71 -20.74
N PRO A 171 9.00 -13.39 -20.70
CA PRO A 171 8.66 -12.53 -21.82
C PRO A 171 8.97 -13.17 -23.15
N GLY A 172 7.99 -13.11 -24.05
CA GLY A 172 8.15 -13.63 -25.39
C GLY A 172 8.04 -15.12 -25.48
N GLN A 173 7.64 -15.75 -24.38
CA GLN A 173 7.54 -17.21 -24.36
C GLN A 173 6.23 -17.59 -23.70
N SER A 174 5.62 -18.69 -24.14
CA SER A 174 4.36 -19.14 -23.52
C SER A 174 4.71 -19.70 -22.17
N PRO A 175 3.72 -19.89 -21.33
CA PRO A 175 4.01 -20.44 -20.00
C PRO A 175 4.78 -21.76 -20.09
N LYS A 176 5.84 -21.97 -19.29
CA LYS A 176 6.58 -23.25 -19.30
C LYS A 176 6.12 -24.06 -18.09
N LEU A 177 5.31 -25.10 -18.33
CA LEU A 177 4.85 -26.00 -17.27
C LEU A 177 6.09 -26.63 -16.59
N LEU A 178 6.06 -26.60 -15.26
CA LEU A 178 7.13 -27.13 -14.44
C LEU A 178 6.65 -28.34 -13.62
N ILE A 179 5.65 -28.18 -12.76
CA ILE A 179 5.15 -29.27 -11.91
C ILE A 179 3.62 -29.44 -12.02
N TYR A 180 3.12 -30.67 -12.09
CA TYR A 180 1.70 -30.89 -12.21
C TYR A 180 1.09 -31.79 -11.15
N LYS A 181 -0.22 -31.66 -11.03
CA LYS A 181 -1.01 -32.41 -10.05
C LYS A 181 -0.18 -32.48 -8.77
N VAL A 182 0.28 -31.29 -8.41
CA VAL A 182 1.06 -30.97 -7.23
C VAL A 182 2.57 -31.29 -7.17
N SER A 183 2.98 -32.43 -7.72
CA SER A 183 4.36 -32.86 -7.48
C SER A 183 5.25 -33.49 -8.51
N THR A 184 4.66 -33.92 -9.64
CA THR A 184 5.41 -34.58 -10.72
C THR A 184 6.03 -33.49 -11.61
N ARG A 185 7.30 -33.65 -11.92
CA ARG A 185 8.04 -32.72 -12.71
C ARG A 185 7.68 -33.03 -14.15
N PHE A 186 7.61 -32.01 -14.98
CA PHE A 186 7.21 -32.21 -16.35
C PHE A 186 8.44 -32.66 -17.11
N SER A 187 8.26 -33.56 -18.04
CA SER A 187 9.39 -34.05 -18.82
C SER A 187 10.16 -32.84 -19.26
N GLY A 188 11.46 -32.88 -19.05
CA GLY A 188 12.29 -31.77 -19.46
C GLY A 188 12.63 -30.76 -18.39
N VAL A 189 11.71 -30.45 -17.48
CA VAL A 189 12.07 -29.47 -16.47
C VAL A 189 13.15 -30.05 -15.61
N PRO A 190 14.24 -29.30 -15.39
CA PRO A 190 15.32 -29.79 -14.55
C PRO A 190 14.88 -29.99 -13.12
N ASP A 191 15.43 -31.03 -12.48
CA ASP A 191 15.06 -31.40 -11.10
C ASP A 191 15.35 -30.48 -9.91
N ARG A 192 15.77 -29.26 -10.20
CA ARG A 192 15.98 -28.30 -9.14
C ARG A 192 14.61 -27.71 -8.90
N PHE A 193 13.65 -28.15 -9.72
CA PHE A 193 12.28 -27.70 -9.55
C PHE A 193 11.56 -28.81 -8.90
N SER A 194 11.03 -28.58 -7.71
CA SER A 194 10.26 -29.58 -6.98
C SER A 194 8.94 -28.93 -6.52
N GLY A 195 7.87 -29.71 -6.29
CA GLY A 195 6.62 -29.19 -5.81
C GLY A 195 5.90 -30.13 -4.83
N SER A 196 5.21 -29.57 -3.83
CA SER A 196 4.44 -30.35 -2.83
C SER A 196 3.31 -29.48 -2.34
N GLY A 197 2.33 -30.09 -1.68
CA GLY A 197 1.25 -29.33 -1.07
C GLY A 197 0.08 -30.22 -0.67
N SER A 198 -0.89 -29.66 0.03
CA SER A 198 -2.01 -30.50 0.39
C SER A 198 -3.22 -29.69 0.74
N GLY A 199 -4.30 -29.96 -0.01
CA GLY A 199 -5.55 -29.28 0.20
C GLY A 199 -5.65 -27.87 -0.38
N THR A 200 -5.10 -26.91 0.36
CA THR A 200 -5.16 -25.53 -0.05
C THR A 200 -3.78 -24.88 0.01
N ASP A 201 -2.80 -25.58 0.55
CA ASP A 201 -1.50 -25.00 0.70
C ASP A 201 -0.56 -25.79 -0.13
N PHE A 202 0.15 -25.09 -1.01
CA PHE A 202 1.06 -25.69 -1.98
C PHE A 202 2.31 -24.82 -2.12
N THR A 203 3.46 -25.44 -2.39
CA THR A 203 4.71 -24.74 -2.51
C THR A 203 5.50 -25.30 -3.69
N LEU A 204 6.27 -24.44 -4.35
CA LEU A 204 7.17 -24.72 -5.45
C LEU A 204 8.53 -24.33 -4.84
N LYS A 205 9.54 -25.17 -5.01
CA LYS A 205 10.85 -24.89 -4.52
C LYS A 205 11.83 -25.08 -5.66
N ILE A 206 12.80 -24.20 -5.66
CA ILE A 206 13.89 -24.21 -6.63
C ILE A 206 15.13 -24.20 -5.69
N SER A 207 15.78 -25.36 -5.65
CA SER A 207 16.90 -25.62 -4.81
C SER A 207 18.05 -24.67 -5.00
N ARG A 208 18.34 -24.40 -6.28
CA ARG A 208 19.44 -23.51 -6.71
C ARG A 208 19.07 -22.72 -7.96
N VAL A 209 18.65 -21.46 -7.79
CA VAL A 209 18.22 -20.55 -8.87
C VAL A 209 19.25 -20.20 -9.94
N GLU A 210 18.90 -20.46 -11.20
CA GLU A 210 19.78 -20.14 -12.30
C GLU A 210 19.14 -18.92 -12.99
N ALA A 211 19.88 -18.28 -13.87
CA ALA A 211 19.39 -17.10 -14.60
C ALA A 211 18.13 -17.40 -15.44
N GLU A 212 18.18 -18.53 -16.12
CA GLU A 212 17.14 -19.08 -16.97
C GLU A 212 15.84 -19.33 -16.24
N ASP A 213 15.86 -19.20 -14.92
CA ASP A 213 14.68 -19.46 -14.10
C ASP A 213 14.03 -18.16 -13.74
N LEU A 214 14.79 -17.10 -13.88
CA LEU A 214 14.27 -15.81 -13.58
C LEU A 214 13.06 -15.52 -14.56
N GLY A 215 11.93 -15.09 -14.00
CA GLY A 215 10.72 -14.83 -14.75
C GLY A 215 9.58 -14.64 -13.77
N VAL A 216 8.34 -14.94 -14.18
CA VAL A 216 7.14 -14.83 -13.31
C VAL A 216 6.48 -16.21 -13.16
N TYR A 217 6.15 -16.57 -11.91
CA TYR A 217 5.60 -17.88 -11.61
C TYR A 217 4.11 -17.90 -11.28
N PHE A 218 3.35 -18.72 -12.01
CA PHE A 218 1.89 -18.83 -11.80
C PHE A 218 1.51 -20.21 -11.38
N CYS A 219 0.67 -20.31 -10.39
CA CYS A 219 0.15 -21.61 -10.04
C CYS A 219 -1.28 -21.57 -10.68
N SER A 220 -1.95 -22.71 -10.78
CA SER A 220 -3.23 -22.78 -11.47
C SER A 220 -3.94 -24.04 -11.07
N GLN A 221 -5.27 -24.06 -11.18
CA GLN A 221 -5.97 -25.28 -10.83
C GLN A 221 -6.85 -25.77 -11.99
N SER A 222 -7.22 -27.07 -11.98
CA SER A 222 -8.07 -27.75 -13.01
C SER A 222 -9.01 -28.70 -12.28
N THR A 223 -9.16 -28.49 -10.98
CA THR A 223 -10.01 -29.32 -10.17
C THR A 223 -11.43 -28.79 -10.27
N HIS A 224 -11.54 -27.47 -10.10
CA HIS A 224 -12.81 -26.80 -10.08
C HIS A 224 -12.92 -26.04 -11.35
N VAL A 225 -14.12 -26.00 -11.93
CA VAL A 225 -14.37 -25.24 -13.18
C VAL A 225 -14.90 -23.85 -12.81
N PRO A 226 -14.34 -22.77 -13.39
CA PRO A 226 -13.27 -22.61 -14.35
C PRO A 226 -11.87 -22.73 -13.76
N PHE A 227 -10.98 -23.17 -14.64
CA PHE A 227 -9.58 -23.32 -14.39
C PHE A 227 -9.14 -21.88 -14.13
N THR A 228 -8.51 -21.68 -13.00
CA THR A 228 -8.03 -20.37 -12.63
C THR A 228 -6.50 -20.36 -12.52
N PHE A 229 -5.92 -19.16 -12.54
CA PHE A 229 -4.48 -18.98 -12.44
C PHE A 229 -4.28 -18.14 -11.20
N GLY A 230 -3.08 -18.18 -10.64
CA GLY A 230 -2.82 -17.39 -9.47
C GLY A 230 -2.38 -16.09 -10.04
N SER A 231 -2.17 -15.08 -9.18
CA SER A 231 -1.78 -13.76 -9.63
C SER A 231 -0.33 -13.58 -9.99
N GLY A 232 0.52 -14.55 -9.68
CA GLY A 232 1.93 -14.42 -10.05
C GLY A 232 2.92 -14.00 -8.95
N THR A 233 4.17 -14.39 -9.12
CA THR A 233 5.28 -14.12 -8.21
C THR A 233 6.49 -13.92 -9.08
N LYS A 234 7.08 -12.73 -9.00
CA LYS A 234 8.21 -12.36 -9.83
C LYS A 234 9.55 -12.70 -9.20
N LEU A 235 10.19 -13.72 -9.75
CA LEU A 235 11.48 -14.17 -9.25
C LEU A 235 12.39 -13.24 -10.01
N GLU A 236 13.03 -12.37 -9.26
CA GLU A 236 13.95 -11.38 -9.84
C GLU A 236 15.27 -11.48 -9.13
N LEU A 237 16.32 -11.16 -9.85
CA LEU A 237 17.68 -11.20 -9.30
C LEU A 237 17.98 -9.94 -8.49
N LYS A 238 18.62 -10.13 -7.33
CA LYS A 238 18.98 -9.03 -6.42
C LYS A 238 20.01 -8.05 -6.98
N VAL B 1 3.92 -33.61 -29.57
CA VAL B 1 2.88 -32.68 -29.99
C VAL B 1 3.32 -31.22 -30.21
N GLN B 2 2.90 -30.68 -31.34
CA GLN B 2 3.20 -29.33 -31.73
C GLN B 2 1.86 -28.61 -31.93
N LEU B 3 1.78 -27.34 -31.51
CA LEU B 3 0.60 -26.49 -31.65
C LEU B 3 1.07 -25.23 -32.35
N GLN B 4 0.62 -25.05 -33.60
CA GLN B 4 1.01 -23.87 -34.41
C GLN B 4 -0.13 -22.84 -34.39
N GLN B 5 0.19 -21.57 -34.23
CA GLN B 5 -0.81 -20.50 -34.20
C GLN B 5 -0.48 -19.48 -35.27
N SER B 6 -1.55 -18.79 -35.66
CA SER B 6 -1.49 -17.76 -36.67
C SER B 6 -0.62 -16.66 -36.14
N GLY B 7 -0.23 -15.80 -37.08
CA GLY B 7 0.62 -14.67 -36.83
C GLY B 7 -0.16 -13.56 -36.17
N THR B 8 0.55 -12.47 -35.87
CA THR B 8 -0.09 -11.37 -35.16
C THR B 8 -1.02 -10.63 -36.07
N GLU B 9 -2.05 -10.05 -35.49
CA GLU B 9 -3.05 -9.34 -36.28
C GLU B 9 -3.29 -7.94 -35.74
N LEU B 10 -3.02 -6.92 -36.57
CA LEU B 10 -3.30 -5.49 -36.26
C LEU B 10 -4.74 -5.27 -36.74
N MET B 11 -5.69 -5.21 -35.83
CA MET B 11 -7.06 -5.12 -36.22
C MET B 11 -7.66 -3.74 -36.02
N LYS B 12 -8.86 -3.57 -36.58
CA LYS B 12 -9.61 -2.31 -36.49
C LYS B 12 -10.70 -2.52 -35.47
N PRO B 13 -10.84 -1.55 -34.56
CA PRO B 13 -11.87 -1.71 -33.53
C PRO B 13 -13.16 -2.10 -34.18
N GLY B 14 -13.88 -3.02 -33.57
CA GLY B 14 -15.13 -3.41 -34.19
C GLY B 14 -14.94 -4.61 -35.10
N ARG B 15 -13.73 -4.90 -35.61
CA ARG B 15 -13.48 -6.09 -36.44
C ARG B 15 -13.69 -7.35 -35.59
N SER B 16 -13.53 -8.50 -36.23
CA SER B 16 -13.66 -9.77 -35.55
C SER B 16 -12.58 -10.63 -36.23
N LEU B 17 -11.96 -11.54 -35.48
CA LEU B 17 -10.96 -12.43 -36.06
C LEU B 17 -10.97 -13.76 -35.42
N LYS B 18 -10.50 -14.69 -36.23
CA LYS B 18 -10.49 -16.08 -35.86
C LYS B 18 -9.09 -16.57 -35.91
N ILE B 19 -8.53 -16.82 -34.72
CA ILE B 19 -7.19 -17.34 -34.63
C ILE B 19 -7.23 -18.89 -34.61
N SER B 20 -6.35 -19.45 -35.42
CA SER B 20 -6.28 -20.88 -35.58
C SER B 20 -5.20 -21.40 -34.68
N CYS B 21 -5.28 -22.71 -34.48
CA CYS B 21 -4.33 -23.42 -33.63
C CYS B 21 -4.11 -24.85 -34.15
N LYS B 22 -3.12 -24.99 -35.02
CA LYS B 22 -2.83 -26.29 -35.64
C LYS B 22 -2.07 -27.28 -34.75
N THR B 23 -2.77 -28.31 -34.29
CA THR B 23 -2.16 -29.35 -33.47
C THR B 23 -1.61 -30.51 -34.31
N THR B 24 -0.56 -31.14 -33.78
CA THR B 24 0.09 -32.30 -34.41
C THR B 24 0.50 -33.24 -33.29
N GLY B 25 1.20 -34.30 -33.66
CA GLY B 25 1.72 -35.30 -32.74
C GLY B 25 0.81 -36.08 -31.79
N TYR B 26 -0.50 -35.91 -31.90
CA TYR B 26 -1.42 -36.60 -31.02
C TYR B 26 -2.80 -36.66 -31.65
N ILE B 27 -3.74 -37.44 -31.08
CA ILE B 27 -5.07 -37.61 -31.63
C ILE B 27 -5.94 -36.51 -31.13
N PHE B 28 -6.09 -35.51 -32.00
CA PHE B 28 -6.83 -34.28 -31.82
C PHE B 28 -8.18 -34.28 -31.13
N SER B 29 -8.98 -35.33 -31.26
CA SER B 29 -10.30 -35.28 -30.64
C SER B 29 -10.42 -35.99 -29.33
N ASN B 30 -9.28 -36.36 -28.76
CA ASN B 30 -9.22 -37.07 -27.47
C ASN B 30 -8.97 -36.09 -26.35
N TYR B 31 -8.64 -34.86 -26.72
CA TYR B 31 -8.34 -33.83 -25.78
C TYR B 31 -8.93 -32.52 -26.17
N TRP B 32 -9.25 -31.74 -25.14
CA TRP B 32 -9.76 -30.40 -25.29
C TRP B 32 -8.56 -29.54 -25.58
N ILE B 33 -8.83 -28.45 -26.30
CA ILE B 33 -7.83 -27.43 -26.60
C ILE B 33 -8.34 -26.23 -25.79
N GLU B 34 -7.51 -25.67 -24.94
CA GLU B 34 -7.92 -24.59 -24.10
C GLU B 34 -7.20 -23.32 -24.52
N TRP B 35 -7.85 -22.19 -24.31
CA TRP B 35 -7.27 -20.89 -24.71
C TRP B 35 -7.06 -19.99 -23.48
N VAL B 36 -5.88 -19.35 -23.46
CA VAL B 36 -5.46 -18.48 -22.37
C VAL B 36 -5.09 -17.10 -22.91
N LYS B 37 -5.50 -16.07 -22.20
CA LYS B 37 -5.21 -14.71 -22.60
C LYS B 37 -4.12 -14.05 -21.76
N GLN B 38 -3.33 -13.22 -22.39
CA GLN B 38 -2.31 -12.57 -21.65
C GLN B 38 -2.12 -11.14 -22.07
N ARG B 39 -2.65 -10.25 -21.24
CA ARG B 39 -2.58 -8.81 -21.47
C ARG B 39 -1.33 -8.27 -20.89
N PRO B 40 -0.77 -7.26 -21.58
CA PRO B 40 0.47 -6.68 -21.02
C PRO B 40 0.14 -6.11 -19.65
N GLY B 41 1.01 -6.42 -18.70
CA GLY B 41 0.86 -5.96 -17.34
C GLY B 41 -0.22 -6.71 -16.59
N HIS B 42 -0.58 -7.86 -17.14
CA HIS B 42 -1.61 -8.63 -16.46
C HIS B 42 -1.13 -10.07 -16.33
N GLY B 43 -1.91 -10.86 -15.60
CA GLY B 43 -1.54 -12.25 -15.42
C GLY B 43 -1.82 -13.07 -16.66
N LEU B 44 -2.41 -14.23 -16.43
CA LEU B 44 -2.75 -15.16 -17.46
C LEU B 44 -4.19 -15.47 -17.17
N GLU B 45 -5.08 -15.44 -18.16
CA GLU B 45 -6.48 -15.76 -17.94
C GLU B 45 -6.90 -16.94 -18.79
N TRP B 46 -7.91 -17.62 -18.32
CA TRP B 46 -8.39 -18.79 -18.99
C TRP B 46 -9.68 -18.36 -19.61
N ILE B 47 -9.71 -18.48 -20.94
CA ILE B 47 -10.88 -18.08 -21.68
C ILE B 47 -11.90 -19.18 -21.69
N GLY B 48 -11.51 -20.38 -22.13
CA GLY B 48 -12.43 -21.50 -22.14
C GLY B 48 -11.86 -22.72 -22.83
N LYS B 49 -12.72 -23.66 -23.21
CA LYS B 49 -12.23 -24.89 -23.86
C LYS B 49 -13.19 -25.59 -24.85
N ILE B 50 -12.57 -26.21 -25.86
CA ILE B 50 -13.28 -26.98 -26.85
C ILE B 50 -12.72 -28.45 -27.04
N LEU B 51 -13.64 -29.40 -27.03
CA LEU B 51 -13.34 -30.80 -27.26
C LEU B 51 -13.66 -31.12 -28.73
N PRO B 52 -12.69 -31.08 -29.62
CA PRO B 52 -12.85 -31.36 -31.04
C PRO B 52 -13.69 -32.60 -31.35
N GLY B 53 -14.57 -32.48 -32.35
CA GLY B 53 -15.44 -33.56 -32.73
C GLY B 53 -16.47 -33.73 -31.63
N GLY B 54 -15.98 -34.15 -30.46
CA GLY B 54 -16.77 -34.44 -29.27
C GLY B 54 -17.86 -33.47 -28.88
N GLY B 55 -17.99 -32.38 -29.62
CA GLY B 55 -19.03 -31.45 -29.33
C GLY B 55 -19.14 -31.16 -27.85
N SER B 56 -18.29 -30.27 -27.36
CA SER B 56 -18.35 -29.91 -25.96
C SER B 56 -17.57 -28.61 -25.90
N ASN B 57 -18.13 -27.58 -25.25
CA ASN B 57 -17.49 -26.25 -25.19
C ASN B 57 -17.71 -25.70 -23.81
N THR B 58 -16.78 -24.95 -23.25
CA THR B 58 -17.00 -24.40 -21.92
C THR B 58 -16.30 -23.10 -21.98
N TYR B 59 -16.94 -22.05 -21.46
CA TYR B 59 -16.34 -20.70 -21.46
C TYR B 59 -16.22 -20.05 -20.06
N ASN B 60 -15.15 -19.28 -19.94
CA ASN B 60 -14.96 -18.52 -18.73
C ASN B 60 -16.06 -17.47 -18.94
N ASP B 61 -16.99 -17.40 -18.00
CA ASP B 61 -18.09 -16.45 -18.01
C ASP B 61 -17.66 -15.13 -18.60
N LYS B 62 -16.60 -14.57 -18.04
CA LYS B 62 -16.07 -13.29 -18.48
C LYS B 62 -15.77 -13.16 -19.98
N PHE B 63 -15.59 -14.31 -20.65
CA PHE B 63 -15.28 -14.32 -22.07
C PHE B 63 -16.40 -14.72 -22.99
N LYS B 64 -17.53 -14.97 -22.38
CA LYS B 64 -18.74 -15.29 -23.11
C LYS B 64 -19.24 -13.96 -23.74
N GLY B 65 -19.53 -13.99 -25.02
CA GLY B 65 -19.99 -12.80 -25.66
C GLY B 65 -18.82 -12.29 -26.45
N LYS B 66 -17.61 -12.73 -26.09
CA LYS B 66 -16.37 -12.30 -26.74
C LYS B 66 -15.63 -13.40 -27.47
N ALA B 67 -15.64 -14.60 -26.87
CA ALA B 67 -14.93 -15.78 -27.39
C ALA B 67 -15.88 -16.79 -27.89
N THR B 68 -15.57 -17.34 -29.07
CA THR B 68 -16.40 -18.39 -29.68
C THR B 68 -15.45 -19.39 -30.33
N PHE B 69 -15.51 -20.65 -29.85
CA PHE B 69 -14.59 -21.73 -30.28
C PHE B 69 -15.21 -22.69 -31.27
N THR B 70 -14.41 -23.08 -32.26
CA THR B 70 -14.79 -24.09 -33.29
C THR B 70 -13.54 -24.96 -33.60
N ALA B 71 -13.72 -26.10 -34.23
CA ALA B 71 -12.54 -26.91 -34.51
C ALA B 71 -12.71 -27.77 -35.76
N ASP B 72 -11.69 -27.80 -36.62
CA ASP B 72 -11.74 -28.63 -37.79
C ASP B 72 -11.05 -30.00 -37.60
N THR B 73 -11.81 -30.98 -37.07
CA THR B 73 -11.25 -32.31 -36.89
C THR B 73 -10.81 -33.05 -38.18
N SER B 74 -10.56 -32.36 -39.28
CA SER B 74 -10.04 -33.04 -40.47
C SER B 74 -8.59 -32.61 -40.66
N SER B 75 -8.32 -31.35 -40.33
CA SER B 75 -6.98 -30.82 -40.43
C SER B 75 -6.38 -30.67 -39.04
N ASN B 76 -7.21 -30.89 -38.02
CA ASN B 76 -6.77 -30.81 -36.63
C ASN B 76 -6.25 -29.42 -36.31
N ILE B 77 -7.10 -28.44 -36.62
CA ILE B 77 -6.82 -27.03 -36.43
C ILE B 77 -7.96 -26.57 -35.59
N ALA B 78 -7.67 -25.90 -34.49
CA ALA B 78 -8.72 -25.37 -33.62
C ALA B 78 -8.70 -23.83 -33.81
N TYR B 79 -9.86 -23.19 -33.71
CA TYR B 79 -9.97 -21.77 -33.93
C TYR B 79 -10.74 -21.11 -32.83
N MET B 80 -10.29 -19.92 -32.40
CA MET B 80 -11.02 -19.10 -31.42
C MET B 80 -11.30 -17.76 -32.12
N GLN B 81 -12.57 -17.36 -32.11
CA GLN B 81 -12.96 -16.12 -32.75
C GLN B 81 -13.17 -15.00 -31.77
N LEU B 82 -12.56 -13.86 -32.01
CA LEU B 82 -12.79 -12.71 -31.13
C LEU B 82 -13.70 -11.70 -31.85
N SER B 83 -14.90 -11.52 -31.32
CA SER B 83 -15.79 -10.58 -31.97
C SER B 83 -15.73 -9.14 -31.38
N SER B 84 -16.19 -8.19 -32.21
CA SER B 84 -16.24 -6.73 -31.94
C SER B 84 -15.10 -6.24 -31.06
N LEU B 85 -13.93 -6.32 -31.64
CA LEU B 85 -12.71 -5.97 -30.98
C LEU B 85 -12.63 -4.58 -30.37
N THR B 86 -12.20 -4.52 -29.11
CA THR B 86 -11.93 -3.22 -28.50
C THR B 86 -10.47 -3.26 -28.01
N SER B 87 -9.93 -2.15 -27.56
CA SER B 87 -8.52 -2.13 -27.15
C SER B 87 -8.07 -3.14 -26.06
N GLU B 88 -8.99 -3.53 -25.19
CA GLU B 88 -8.76 -4.49 -24.08
C GLU B 88 -8.55 -5.92 -24.48
N ASP B 89 -8.88 -6.19 -25.73
CA ASP B 89 -8.71 -7.47 -26.34
C ASP B 89 -7.32 -7.48 -26.89
N SER B 90 -6.61 -6.38 -26.83
CA SER B 90 -5.26 -6.45 -27.32
C SER B 90 -4.54 -7.33 -26.26
N ALA B 91 -3.95 -8.44 -26.68
CA ALA B 91 -3.29 -9.37 -25.78
C ALA B 91 -2.52 -10.38 -26.61
N VAL B 92 -2.07 -11.45 -25.97
CA VAL B 92 -1.35 -12.51 -26.64
C VAL B 92 -2.20 -13.67 -26.21
N TYR B 93 -2.81 -14.34 -27.17
CA TYR B 93 -3.68 -15.47 -26.88
C TYR B 93 -2.91 -16.76 -27.19
N TYR B 94 -3.26 -17.79 -26.43
CA TYR B 94 -2.62 -19.11 -26.60
C TYR B 94 -3.62 -20.21 -26.59
N CYS B 95 -3.23 -21.28 -27.28
CA CYS B 95 -4.00 -22.52 -27.25
C CYS B 95 -2.98 -23.46 -26.54
N ALA B 96 -3.51 -24.39 -25.75
CA ALA B 96 -2.70 -25.37 -25.05
C ALA B 96 -3.49 -26.67 -25.06
N ARG B 97 -2.81 -27.82 -25.13
CA ARG B 97 -3.55 -29.08 -25.09
C ARG B 97 -3.80 -29.21 -23.62
N GLY B 98 -5.04 -29.50 -23.27
CA GLY B 98 -5.44 -29.55 -21.88
C GLY B 98 -6.07 -30.84 -21.41
N GLU B 99 -7.27 -30.76 -20.85
CA GLU B 99 -7.93 -31.97 -20.33
C GLU B 99 -8.11 -33.08 -21.38
N ASP B 100 -8.35 -34.31 -20.97
CA ASP B 100 -8.54 -35.36 -21.97
C ASP B 100 -9.93 -36.04 -21.84
N TYR B 101 -10.60 -36.32 -22.96
CA TYR B 101 -11.99 -36.81 -22.92
C TYR B 101 -12.58 -37.50 -21.70
N TYR B 102 -11.97 -38.57 -21.21
CA TYR B 102 -12.55 -39.24 -20.05
C TYR B 102 -12.52 -38.41 -18.73
N ALA B 103 -11.67 -37.38 -18.71
CA ALA B 103 -11.53 -36.41 -17.62
C ALA B 103 -10.64 -36.64 -16.38
N TYR B 104 -9.55 -37.42 -16.53
CA TYR B 104 -8.63 -37.69 -15.39
C TYR B 104 -7.44 -36.75 -15.48
N TRP B 105 -6.76 -36.79 -16.61
CA TRP B 105 -5.65 -35.93 -16.87
C TRP B 105 -6.17 -34.55 -17.33
N TYR B 106 -5.82 -33.49 -16.61
CA TYR B 106 -6.16 -32.12 -17.00
C TYR B 106 -5.03 -31.18 -16.63
N VAL B 107 -4.08 -30.96 -17.55
CA VAL B 107 -3.02 -30.03 -17.31
C VAL B 107 -2.80 -29.43 -18.66
N LEU B 108 -2.51 -28.11 -18.73
CA LEU B 108 -2.20 -27.43 -20.00
C LEU B 108 -0.69 -27.59 -20.08
N ASP B 109 -0.28 -28.66 -20.74
CA ASP B 109 1.13 -28.99 -20.85
C ASP B 109 1.76 -28.46 -22.10
N TYR B 110 1.13 -28.73 -23.26
CA TYR B 110 1.69 -28.25 -24.53
C TYR B 110 1.07 -26.93 -24.93
N TRP B 111 1.91 -25.99 -25.31
CA TRP B 111 1.46 -24.66 -25.69
C TRP B 111 1.77 -24.21 -27.09
N GLY B 112 0.86 -23.42 -27.66
CA GLY B 112 1.16 -22.86 -28.95
C GLY B 112 2.10 -21.69 -28.64
N GLN B 113 2.77 -21.14 -29.64
CA GLN B 113 3.65 -20.02 -29.37
C GLN B 113 2.89 -18.69 -29.06
N GLY B 114 1.57 -18.69 -29.15
CA GLY B 114 0.85 -17.44 -28.91
C GLY B 114 0.63 -16.55 -30.15
N THR B 115 -0.48 -15.82 -30.09
CA THR B 115 -0.87 -14.90 -31.16
C THR B 115 -1.07 -13.49 -30.59
N THR B 116 -0.22 -12.57 -31.01
CA THR B 116 -0.33 -11.19 -30.55
C THR B 116 -1.42 -10.46 -31.37
N VAL B 117 -2.50 -10.05 -30.73
CA VAL B 117 -3.59 -9.31 -31.38
C VAL B 117 -3.52 -7.86 -30.88
N THR B 118 -3.33 -6.90 -31.79
CA THR B 118 -3.30 -5.49 -31.38
C THR B 118 -4.43 -4.74 -32.06
N VAL B 119 -5.40 -4.27 -31.28
CA VAL B 119 -6.54 -3.48 -31.78
C VAL B 119 -6.21 -1.98 -31.92
N SER B 120 -6.29 -1.44 -33.13
CA SER B 120 -5.93 -0.05 -33.37
C SER B 120 -6.90 1.08 -32.98
N SER B 121 -7.21 1.15 -31.68
CA SER B 121 -8.11 2.15 -31.17
C SER B 121 -7.34 3.39 -30.83
N GLY B 122 -6.02 3.30 -30.94
CA GLY B 122 -5.14 4.40 -30.57
C GLY B 122 -5.07 4.38 -29.06
N GLY B 123 -5.26 3.19 -28.46
CA GLY B 123 -5.27 2.98 -27.02
C GLY B 123 -4.96 4.14 -26.09
N GLY B 124 -5.97 4.99 -25.87
CA GLY B 124 -5.83 6.14 -24.96
C GLY B 124 -4.65 7.07 -25.13
N GLY B 125 -4.21 7.23 -26.38
CA GLY B 125 -3.08 8.08 -26.69
C GLY B 125 -3.29 9.44 -26.08
N SER B 126 -2.30 9.85 -25.28
CA SER B 126 -2.26 11.16 -24.62
C SER B 126 -3.56 11.69 -23.96
N ASP B 127 -4.23 10.85 -23.16
CA ASP B 127 -5.45 11.29 -22.50
C ASP B 127 -4.96 12.11 -21.32
N ILE B 128 -5.77 13.07 -20.90
CA ILE B 128 -5.39 13.94 -19.81
C ILE B 128 -5.85 13.25 -18.54
N GLU B 129 -4.85 13.08 -17.67
CA GLU B 129 -5.01 12.39 -16.42
C GLU B 129 -5.27 13.30 -15.26
N LEU B 130 -6.38 13.10 -14.60
CA LEU B 130 -6.76 13.92 -13.49
C LEU B 130 -6.56 13.12 -12.21
N THR B 131 -5.65 13.65 -11.38
CA THR B 131 -5.24 13.10 -10.09
C THR B 131 -5.88 13.71 -8.86
N GLN B 132 -6.92 13.02 -8.37
CA GLN B 132 -7.68 13.41 -7.19
C GLN B 132 -7.02 12.94 -5.86
N SER B 133 -7.12 13.77 -4.81
CA SER B 133 -6.56 13.48 -3.50
C SER B 133 -7.23 14.31 -2.41
N PRO B 134 -7.63 13.65 -1.31
CA PRO B 134 -7.56 12.23 -0.95
C PRO B 134 -8.47 11.35 -1.87
N LEU B 135 -8.28 10.06 -1.79
CA LEU B 135 -9.11 9.14 -2.52
C LEU B 135 -10.17 8.76 -1.50
N SER B 136 -9.88 9.04 -0.25
CA SER B 136 -10.84 8.79 0.80
C SER B 136 -10.78 9.95 1.78
N LEU B 137 -11.93 10.50 2.10
CA LEU B 137 -11.97 11.62 3.02
C LEU B 137 -12.97 11.35 4.10
N PRO B 138 -12.47 10.83 5.22
CA PRO B 138 -13.44 10.57 6.29
C PRO B 138 -13.60 11.88 7.04
N VAL B 139 -14.83 12.19 7.43
CA VAL B 139 -15.10 13.44 8.11
C VAL B 139 -16.19 13.24 9.16
N SER B 140 -16.61 14.36 9.75
CA SER B 140 -17.67 14.33 10.72
C SER B 140 -18.59 15.45 10.21
N LEU B 141 -19.89 15.16 10.13
CA LEU B 141 -20.87 16.11 9.65
C LEU B 141 -20.68 17.50 10.32
N GLY B 142 -20.32 18.49 9.52
CA GLY B 142 -20.09 19.83 10.02
C GLY B 142 -18.71 20.27 9.59
N ASP B 143 -17.84 19.32 9.36
CA ASP B 143 -16.50 19.68 8.99
C ASP B 143 -16.45 20.21 7.58
N GLN B 144 -15.37 20.94 7.32
CA GLN B 144 -15.09 21.47 6.02
C GLN B 144 -14.33 20.38 5.32
N ALA B 145 -14.57 20.18 4.04
CA ALA B 145 -13.81 19.16 3.35
C ALA B 145 -13.29 19.69 2.03
N SER B 146 -12.03 19.45 1.72
CA SER B 146 -11.50 19.88 0.45
C SER B 146 -11.07 18.66 -0.33
N ILE B 147 -11.21 18.68 -1.64
CA ILE B 147 -10.82 17.57 -2.44
C ILE B 147 -10.00 18.21 -3.51
N SER B 148 -8.87 17.58 -3.82
CA SER B 148 -7.92 18.08 -4.80
C SER B 148 -8.02 17.30 -6.11
N CYS B 149 -7.71 17.99 -7.21
CA CYS B 149 -7.74 17.36 -8.53
C CYS B 149 -6.60 18.01 -9.22
N ARG B 150 -5.64 17.19 -9.66
CA ARG B 150 -4.46 17.67 -10.36
C ARG B 150 -4.50 17.09 -11.77
N SER B 151 -4.14 17.89 -12.76
CA SER B 151 -4.16 17.42 -14.11
C SER B 151 -2.78 17.38 -14.71
N SER B 152 -2.58 16.44 -15.63
CA SER B 152 -1.30 16.27 -16.33
C SER B 152 -0.93 17.46 -17.17
N GLN B 153 -1.92 18.19 -17.65
CA GLN B 153 -1.64 19.30 -18.52
C GLN B 153 -2.59 20.46 -18.15
N SER B 154 -2.21 21.67 -18.55
CA SER B 154 -3.03 22.85 -18.25
C SER B 154 -4.42 22.74 -18.87
N LEU B 155 -5.45 22.98 -18.08
CA LEU B 155 -6.80 22.90 -18.56
C LEU B 155 -7.28 24.24 -19.08
N VAL B 156 -6.34 25.07 -19.45
CA VAL B 156 -6.67 26.38 -19.89
C VAL B 156 -6.83 26.26 -21.34
N HIS B 157 -8.02 26.67 -21.81
CA HIS B 157 -8.30 26.63 -23.23
C HIS B 157 -7.82 27.91 -23.94
N SER B 158 -7.55 27.80 -25.24
CA SER B 158 -7.10 28.97 -25.97
C SER B 158 -8.17 30.09 -25.78
N ASN B 159 -9.44 29.68 -25.87
CA ASN B 159 -10.59 30.56 -25.81
C ASN B 159 -10.77 31.28 -24.53
N GLY B 160 -9.94 30.95 -23.55
CA GLY B 160 -10.04 31.64 -22.27
C GLY B 160 -10.71 30.93 -21.09
N ASN B 161 -11.60 29.96 -21.34
CA ASN B 161 -12.23 29.21 -20.24
C ASN B 161 -11.33 28.02 -19.80
N THR B 162 -11.58 27.53 -18.59
CA THR B 162 -10.86 26.37 -18.01
C THR B 162 -11.90 25.32 -17.69
N SER B 163 -12.04 24.39 -18.61
CA SER B 163 -13.06 23.40 -18.47
C SER B 163 -12.82 22.22 -17.49
N LEU B 164 -12.80 22.58 -16.20
CA LEU B 164 -12.66 21.61 -15.10
C LEU B 164 -13.97 21.69 -14.28
N HIS B 165 -14.67 20.57 -14.11
CA HIS B 165 -15.98 20.56 -13.42
C HIS B 165 -15.99 19.49 -12.30
N TRP B 166 -16.99 19.54 -11.43
CA TRP B 166 -17.04 18.63 -10.34
C TRP B 166 -18.41 18.02 -10.26
N TYR B 167 -18.45 16.70 -10.02
CA TYR B 167 -19.70 15.95 -9.88
C TYR B 167 -19.74 15.20 -8.55
N LEU B 168 -20.94 14.90 -8.08
CA LEU B 168 -21.20 14.17 -6.88
C LEU B 168 -22.02 13.01 -7.37
N LYS B 169 -21.49 11.79 -7.18
CA LYS B 169 -22.16 10.55 -7.59
C LYS B 169 -22.66 9.86 -6.36
N LYS B 170 -23.98 9.76 -6.20
CA LYS B 170 -24.61 9.07 -5.08
C LYS B 170 -25.35 7.88 -5.72
N PRO B 171 -25.13 6.63 -5.22
CA PRO B 171 -25.74 5.37 -5.70
C PRO B 171 -27.19 5.49 -6.06
N GLY B 172 -27.55 4.94 -7.22
CA GLY B 172 -28.93 5.05 -7.64
C GLY B 172 -29.31 6.43 -8.23
N GLN B 173 -28.36 7.35 -8.35
CA GLN B 173 -28.59 8.66 -8.85
C GLN B 173 -27.53 9.05 -9.82
N SER B 174 -27.91 9.77 -10.87
CA SER B 174 -26.98 10.18 -11.93
C SER B 174 -26.07 11.23 -11.39
N PRO B 175 -24.91 11.39 -12.05
CA PRO B 175 -23.97 12.40 -11.61
C PRO B 175 -24.67 13.77 -11.56
N LYS B 176 -24.55 14.45 -10.40
CA LYS B 176 -25.10 15.77 -10.05
C LYS B 176 -24.01 16.77 -10.15
N LEU B 177 -23.99 17.61 -11.20
CA LEU B 177 -22.98 18.67 -11.38
C LEU B 177 -23.02 19.66 -10.20
N LEU B 178 -21.86 20.22 -9.85
CA LEU B 178 -21.84 21.18 -8.72
C LEU B 178 -21.16 22.47 -9.09
N ILE B 179 -19.94 22.37 -9.58
CA ILE B 179 -19.18 23.53 -9.93
C ILE B 179 -18.69 23.20 -11.30
N TYR B 180 -18.78 24.15 -12.23
CA TYR B 180 -18.34 23.95 -13.61
C TYR B 180 -17.37 25.06 -13.90
N LYS B 181 -16.48 24.82 -14.84
CA LYS B 181 -15.41 25.76 -15.18
C LYS B 181 -14.82 26.36 -13.88
N VAL B 182 -14.29 25.45 -13.06
CA VAL B 182 -13.65 25.72 -11.75
C VAL B 182 -14.41 26.23 -10.51
N SER B 183 -15.03 27.39 -10.60
CA SER B 183 -15.70 28.01 -9.49
C SER B 183 -17.14 28.30 -9.74
N THR B 184 -17.50 28.45 -10.99
CA THR B 184 -18.88 28.71 -11.29
C THR B 184 -19.71 27.54 -10.75
N ARG B 185 -20.58 27.85 -9.82
CA ARG B 185 -21.46 26.90 -9.18
C ARG B 185 -22.76 26.65 -9.97
N PHE B 186 -22.98 25.40 -10.35
CA PHE B 186 -24.18 25.03 -11.10
C PHE B 186 -25.43 25.38 -10.31
N SER B 187 -26.51 25.64 -11.02
CA SER B 187 -27.76 26.03 -10.41
C SER B 187 -28.46 24.94 -9.59
N GLY B 188 -28.87 25.32 -8.37
CA GLY B 188 -29.55 24.42 -7.46
C GLY B 188 -28.65 23.82 -6.40
N VAL B 189 -27.37 24.13 -6.51
CA VAL B 189 -26.33 23.65 -5.60
C VAL B 189 -26.25 24.54 -4.36
N PRO B 190 -26.18 23.95 -3.13
CA PRO B 190 -26.12 24.87 -1.97
C PRO B 190 -24.79 25.63 -2.00
N ASP B 191 -24.76 26.82 -1.43
CA ASP B 191 -23.52 27.62 -1.45
C ASP B 191 -22.39 27.08 -0.57
N ARG B 192 -22.61 25.91 0.04
CA ARG B 192 -21.58 25.28 0.85
C ARG B 192 -20.56 24.61 -0.04
N PHE B 193 -20.86 24.52 -1.35
CA PHE B 193 -19.92 23.99 -2.34
C PHE B 193 -19.14 25.12 -3.06
N SER B 194 -17.82 25.10 -2.95
CA SER B 194 -16.97 26.13 -3.55
C SER B 194 -15.96 25.36 -4.36
N GLY B 195 -15.30 25.99 -5.33
CA GLY B 195 -14.31 25.34 -6.15
C GLY B 195 -13.40 26.48 -6.67
N SER B 196 -12.11 26.23 -6.86
CA SER B 196 -11.18 27.24 -7.34
C SER B 196 -9.97 26.51 -7.86
N GLY B 197 -9.15 27.15 -8.68
CA GLY B 197 -7.98 26.46 -9.16
C GLY B 197 -7.38 27.13 -10.35
N SER B 198 -6.27 26.60 -10.85
CA SER B 198 -5.70 27.20 -12.00
C SER B 198 -4.67 26.27 -12.57
N GLY B 199 -4.63 26.23 -13.88
CA GLY B 199 -3.68 25.40 -14.60
C GLY B 199 -3.96 23.93 -14.51
N THR B 200 -3.24 23.33 -13.56
CA THR B 200 -3.31 21.90 -13.26
C THR B 200 -3.92 21.71 -11.84
N ASP B 201 -3.83 22.73 -11.03
CA ASP B 201 -4.32 22.61 -9.68
C ASP B 201 -5.70 23.19 -9.54
N PHE B 202 -6.62 22.41 -9.01
CA PHE B 202 -8.00 22.79 -8.81
C PHE B 202 -8.41 22.19 -7.43
N THR B 203 -9.33 22.84 -6.71
CA THR B 203 -9.81 22.36 -5.41
C THR B 203 -11.30 22.54 -5.27
N LEU B 204 -11.93 21.58 -4.61
CA LEU B 204 -13.37 21.59 -4.32
C LEU B 204 -13.45 21.73 -2.78
N LYS B 205 -14.35 22.55 -2.29
CA LYS B 205 -14.42 22.79 -0.89
C LYS B 205 -15.87 22.82 -0.50
N ILE B 206 -16.19 22.12 0.59
CA ILE B 206 -17.54 22.06 1.12
C ILE B 206 -17.33 22.63 2.52
N SER B 207 -17.92 23.79 2.75
CA SER B 207 -17.76 24.51 3.98
C SER B 207 -18.13 23.75 5.24
N ARG B 208 -19.27 23.06 5.19
CA ARG B 208 -19.79 22.29 6.31
C ARG B 208 -20.37 21.04 5.65
N VAL B 209 -19.93 19.87 6.09
CA VAL B 209 -20.45 18.65 5.50
C VAL B 209 -21.78 18.20 6.13
N GLU B 210 -22.74 17.92 5.26
CA GLU B 210 -24.09 17.49 5.63
C GLU B 210 -24.34 16.09 5.12
N ALA B 211 -25.25 15.39 5.79
CA ALA B 211 -25.58 14.01 5.42
C ALA B 211 -25.67 13.75 3.91
N GLU B 212 -26.44 14.59 3.24
CA GLU B 212 -26.71 14.52 1.81
C GLU B 212 -25.52 14.70 0.89
N ASP B 213 -24.43 15.19 1.46
CA ASP B 213 -23.23 15.44 0.68
C ASP B 213 -22.36 14.20 0.57
N LEU B 214 -22.70 13.17 1.33
CA LEU B 214 -21.91 11.98 1.34
C LEU B 214 -21.98 11.08 0.08
N GLY B 215 -20.82 10.86 -0.57
CA GLY B 215 -20.78 9.97 -1.70
C GLY B 215 -19.43 10.02 -2.36
N VAL B 216 -19.35 9.85 -3.67
CA VAL B 216 -18.06 9.95 -4.34
C VAL B 216 -18.11 11.21 -5.24
N TYR B 217 -16.98 11.90 -5.33
CA TYR B 217 -16.80 13.10 -6.07
C TYR B 217 -15.79 12.87 -7.14
N PHE B 218 -16.04 13.44 -8.32
CA PHE B 218 -15.20 13.32 -9.51
C PHE B 218 -15.00 14.69 -10.13
N CYS B 219 -13.78 14.97 -10.50
CA CYS B 219 -13.52 16.22 -11.17
C CYS B 219 -13.48 15.76 -12.62
N SER B 220 -13.60 16.70 -13.55
CA SER B 220 -13.62 16.41 -14.98
C SER B 220 -12.96 17.53 -15.80
N GLN B 221 -12.73 17.31 -17.09
CA GLN B 221 -12.12 18.30 -17.96
C GLN B 221 -12.66 18.10 -19.38
N SER B 222 -12.90 19.23 -20.08
CA SER B 222 -13.46 19.31 -21.44
C SER B 222 -12.58 20.22 -22.32
N THR B 223 -11.34 20.46 -21.93
CA THR B 223 -10.45 21.32 -22.65
C THR B 223 -9.76 20.53 -23.75
N HIS B 224 -9.51 19.26 -23.49
CA HIS B 224 -8.80 18.47 -24.48
C HIS B 224 -9.63 17.28 -24.85
N VAL B 225 -9.40 16.70 -26.02
CA VAL B 225 -10.19 15.51 -26.40
C VAL B 225 -9.31 14.29 -26.26
N PRO B 226 -9.83 13.24 -25.58
CA PRO B 226 -11.14 13.07 -24.94
C PRO B 226 -11.38 13.71 -23.59
N PHE B 227 -12.65 13.71 -23.23
CA PHE B 227 -13.13 14.19 -21.96
C PHE B 227 -12.82 13.07 -20.91
N THR B 228 -12.06 13.38 -19.87
CA THR B 228 -11.69 12.38 -18.87
C THR B 228 -12.17 12.75 -17.47
N PHE B 229 -12.39 11.73 -16.64
CA PHE B 229 -12.81 11.90 -15.24
C PHE B 229 -11.61 11.57 -14.27
N GLY B 230 -11.77 11.94 -13.02
CA GLY B 230 -10.76 11.59 -12.04
C GLY B 230 -11.25 10.27 -11.49
N SER B 231 -10.37 9.62 -10.74
CA SER B 231 -10.64 8.29 -10.16
C SER B 231 -11.71 8.26 -9.10
N GLY B 232 -11.88 9.37 -8.39
CA GLY B 232 -12.95 9.46 -7.39
C GLY B 232 -12.41 9.77 -6.03
N THR B 233 -13.28 10.26 -5.15
CA THR B 233 -12.92 10.56 -3.77
C THR B 233 -14.16 10.33 -2.95
N LYS B 234 -14.15 9.22 -2.21
CA LYS B 234 -15.27 8.84 -1.35
C LYS B 234 -15.21 9.63 -0.02
N LEU B 235 -16.02 10.66 0.02
CA LEU B 235 -16.14 11.48 1.17
C LEU B 235 -16.98 10.61 2.06
N GLU B 236 -16.42 10.03 3.10
CA GLU B 236 -17.21 9.19 3.97
C GLU B 236 -17.23 9.76 5.39
N LEU B 237 -18.10 9.24 6.24
CA LEU B 237 -18.21 9.71 7.63
C LEU B 237 -17.15 8.97 8.44
N LYS B 238 -16.64 9.58 9.51
CA LYS B 238 -15.65 8.87 10.35
C LYS B 238 -16.46 7.90 11.22
N VAL C 1 15.83 38.74 14.99
CA VAL C 1 16.35 37.96 16.08
C VAL C 1 17.23 36.78 15.58
N GLN C 2 18.15 36.32 16.43
CA GLN C 2 19.06 35.23 16.12
C GLN C 2 19.03 34.20 17.27
N LEU C 3 19.32 32.95 16.92
CA LEU C 3 19.39 31.84 17.87
C LEU C 3 20.60 31.04 17.40
N GLN C 4 21.72 31.23 18.10
CA GLN C 4 22.99 30.53 17.83
C GLN C 4 22.99 29.24 18.67
N GLN C 5 23.01 28.10 18.00
CA GLN C 5 22.97 26.77 18.64
C GLN C 5 24.40 26.26 18.71
N SER C 6 24.72 25.55 19.77
CA SER C 6 26.05 24.98 19.92
C SER C 6 26.30 24.09 18.71
N GLY C 7 27.57 23.78 18.47
CA GLY C 7 27.96 22.93 17.34
C GLY C 7 27.65 21.44 17.45
N THR C 8 28.24 20.65 16.55
CA THR C 8 27.91 19.22 16.53
C THR C 8 28.65 18.35 17.50
N GLU C 9 27.91 17.39 18.00
CA GLU C 9 28.37 16.45 18.98
C GLU C 9 28.37 15.00 18.54
N LEU C 10 29.50 14.29 18.70
CA LEU C 10 29.57 12.85 18.44
C LEU C 10 29.61 12.34 19.85
N MET C 11 28.48 11.86 20.34
CA MET C 11 28.39 11.33 21.69
C MET C 11 28.61 9.82 21.73
N LYS C 12 28.99 9.28 22.89
CA LYS C 12 29.20 7.81 23.11
C LYS C 12 27.87 7.35 23.69
N PRO C 13 27.52 6.04 23.55
CA PRO C 13 26.21 5.74 24.16
C PRO C 13 26.29 5.80 25.66
N GLY C 14 25.20 6.13 26.31
CA GLY C 14 25.30 6.34 27.73
C GLY C 14 25.68 7.81 27.98
N ARG C 15 26.35 8.50 27.03
CA ARG C 15 26.73 9.93 27.17
C ARG C 15 25.49 10.80 27.47
N SER C 16 25.71 11.94 28.10
CA SER C 16 24.64 12.91 28.37
C SER C 16 25.13 14.20 27.72
N LEU C 17 24.23 15.05 27.25
CA LEU C 17 24.73 16.28 26.64
C LEU C 17 23.83 17.49 26.77
N LYS C 18 24.49 18.64 26.95
CA LYS C 18 23.79 19.89 27.10
C LYS C 18 24.02 20.75 25.87
N ILE C 19 22.94 21.00 25.14
CA ILE C 19 23.03 21.89 23.99
C ILE C 19 22.48 23.31 24.29
N SER C 20 23.25 24.26 23.80
CA SER C 20 22.98 25.68 23.99
C SER C 20 22.28 26.37 22.81
N CYS C 21 21.50 27.38 23.15
CA CYS C 21 20.75 28.14 22.16
C CYS C 21 20.81 29.62 22.53
N LYS C 22 21.81 30.31 22.03
CA LYS C 22 22.02 31.72 22.36
C LYS C 22 21.22 32.69 21.47
N THR C 23 20.16 33.25 22.05
CA THR C 23 19.28 34.16 21.37
C THR C 23 19.82 35.57 21.51
N THR C 24 19.39 36.42 20.58
CA THR C 24 19.67 37.87 20.51
C THR C 24 18.47 38.51 19.76
N GLY C 25 18.54 39.80 19.48
CA GLY C 25 17.46 40.45 18.76
C GLY C 25 16.12 40.74 19.44
N TYR C 26 15.79 40.09 20.54
CA TYR C 26 14.49 40.37 21.18
C TYR C 26 14.65 40.30 22.71
N ILE C 27 13.58 40.49 23.46
CA ILE C 27 13.72 40.41 24.91
C ILE C 27 13.36 39.00 25.35
N PHE C 28 14.42 38.24 25.58
CA PHE C 28 14.42 36.85 26.02
C PHE C 28 13.28 36.32 26.92
N SER C 29 12.83 37.11 27.88
CA SER C 29 11.76 36.58 28.70
C SER C 29 10.41 36.86 28.10
N ASN C 30 10.38 37.45 26.91
CA ASN C 30 9.12 37.77 26.23
C ASN C 30 8.52 36.61 25.46
N TYR C 31 9.30 35.55 25.26
CA TYR C 31 8.81 34.42 24.52
C TYR C 31 9.38 33.10 25.00
N TRP C 32 8.61 32.03 24.84
CA TRP C 32 9.08 30.72 25.24
C TRP C 32 10.07 30.26 24.23
N ILE C 33 11.10 29.52 24.66
CA ILE C 33 12.00 28.97 23.67
C ILE C 33 11.49 27.55 23.52
N GLU C 34 11.42 27.11 22.25
CA GLU C 34 10.85 25.83 21.93
C GLU C 34 11.82 24.92 21.22
N TRP C 35 11.79 23.62 21.55
CA TRP C 35 12.73 22.65 20.91
C TRP C 35 12.14 21.62 19.90
N VAL C 36 12.88 21.34 18.86
CA VAL C 36 12.36 20.42 17.87
C VAL C 36 13.43 19.44 17.42
N LYS C 37 13.04 18.18 17.32
CA LYS C 37 13.90 17.12 16.80
C LYS C 37 13.62 16.80 15.28
N GLN C 38 14.71 16.53 14.58
CA GLN C 38 14.71 16.22 13.18
C GLN C 38 15.55 14.93 12.98
N ARG C 39 14.89 13.79 13.08
CA ARG C 39 15.57 12.55 12.87
C ARG C 39 15.43 12.21 11.38
N PRO C 40 16.53 11.76 10.76
CA PRO C 40 16.56 11.40 9.34
C PRO C 40 15.49 10.33 9.06
N GLY C 41 14.83 10.46 7.92
CA GLY C 41 13.76 9.55 7.57
C GLY C 41 12.60 9.75 8.50
N HIS C 42 12.58 10.91 9.17
CA HIS C 42 11.46 11.24 10.07
C HIS C 42 11.07 12.67 9.79
N GLY C 43 9.89 13.05 10.25
CA GLY C 43 9.47 14.42 9.99
C GLY C 43 10.23 15.35 10.91
N LEU C 44 9.46 15.98 11.77
CA LEU C 44 9.98 16.89 12.74
C LEU C 44 9.10 16.60 13.93
N GLU C 45 9.68 16.57 15.12
CA GLU C 45 8.89 16.34 16.35
C GLU C 45 9.26 17.44 17.27
N TRP C 46 8.30 17.85 18.07
CA TRP C 46 8.45 18.88 19.09
C TRP C 46 8.77 18.26 20.46
N ILE C 47 9.88 18.71 21.02
CA ILE C 47 10.41 18.25 22.28
C ILE C 47 9.65 18.87 23.44
N GLY C 48 9.66 20.19 23.49
CA GLY C 48 8.95 20.92 24.53
C GLY C 48 9.34 22.37 24.46
N LYS C 49 9.16 23.04 25.59
CA LYS C 49 9.47 24.46 25.72
C LYS C 49 9.78 25.00 27.14
N ILE C 50 10.48 26.12 27.13
CA ILE C 50 10.83 26.79 28.36
C ILE C 50 10.69 28.34 28.27
N LEU C 51 9.97 28.91 29.25
CA LEU C 51 9.76 30.36 29.33
C LEU C 51 10.83 31.01 30.22
N PRO C 52 11.84 31.61 29.59
CA PRO C 52 12.89 32.25 30.33
C PRO C 52 12.42 33.21 31.41
N GLY C 53 12.90 32.99 32.62
CA GLY C 53 12.52 33.81 33.75
C GLY C 53 11.06 33.72 34.09
N GLY C 54 10.35 32.84 33.41
CA GLY C 54 8.92 32.71 33.65
C GLY C 54 8.48 31.57 34.53
N GLY C 55 9.40 30.69 34.88
CA GLY C 55 9.04 29.59 35.75
C GLY C 55 7.97 28.68 35.14
N SER C 56 8.18 28.35 33.89
CA SER C 56 7.23 27.50 33.23
C SER C 56 8.00 26.61 32.25
N ASN C 57 7.66 25.33 32.24
CA ASN C 57 8.25 24.33 31.35
C ASN C 57 7.10 23.61 30.70
N THR C 58 7.37 22.91 29.61
CA THR C 58 6.33 22.06 29.01
C THR C 58 7.03 21.03 28.22
N TYR C 59 6.81 19.76 28.58
CA TYR C 59 7.45 18.64 27.89
C TYR C 59 6.46 17.79 27.13
N ASN C 60 6.78 17.53 25.86
CA ASN C 60 5.98 16.61 25.11
C ASN C 60 6.26 15.26 25.88
N ASP C 61 5.21 14.53 26.26
CA ASP C 61 5.35 13.28 27.01
C ASP C 61 6.39 12.38 26.41
N LYS C 62 6.30 12.15 25.12
CA LYS C 62 7.27 11.33 24.46
C LYS C 62 8.74 11.67 24.84
N PHE C 63 8.97 12.89 25.37
CA PHE C 63 10.32 13.37 25.72
C PHE C 63 10.67 13.53 27.21
N LYS C 64 9.69 13.31 28.05
CA LYS C 64 9.93 13.34 29.48
C LYS C 64 10.85 12.12 29.72
N GLY C 65 11.97 12.35 30.38
CA GLY C 65 12.84 11.23 30.66
C GLY C 65 14.00 11.30 29.75
N LYS C 66 13.86 12.10 28.69
CA LYS C 66 14.93 12.26 27.70
C LYS C 66 15.38 13.68 27.67
N ALA C 67 14.43 14.60 27.83
CA ALA C 67 14.82 15.99 27.76
C ALA C 67 14.58 16.80 29.02
N THR C 68 15.50 17.74 29.27
CA THR C 68 15.42 18.65 30.44
C THR C 68 15.82 20.07 29.99
N PHE C 69 14.96 21.03 30.29
CA PHE C 69 15.22 22.42 29.88
C PHE C 69 15.69 23.32 31.04
N THR C 70 16.54 24.25 30.64
CA THR C 70 17.10 25.30 31.50
C THR C 70 17.33 26.49 30.57
N ALA C 71 17.19 27.69 31.13
CA ALA C 71 17.36 28.96 30.42
C ALA C 71 18.07 29.91 31.37
N ASP C 72 19.13 30.52 30.88
CA ASP C 72 19.92 31.47 31.66
C ASP C 72 19.64 32.93 31.19
N THR C 73 18.81 33.66 31.94
CA THR C 73 18.49 35.03 31.59
C THR C 73 19.75 35.90 31.42
N SER C 74 20.52 36.09 32.47
CA SER C 74 21.75 36.88 32.43
C SER C 74 22.43 36.88 31.09
N SER C 75 22.52 35.72 30.46
CA SER C 75 23.24 35.60 29.21
C SER C 75 22.36 35.51 28.00
N ASN C 76 21.12 35.18 28.30
CA ASN C 76 20.14 35.00 27.28
C ASN C 76 20.53 33.79 26.49
N ILE C 77 20.72 32.66 27.18
CA ILE C 77 21.07 31.40 26.50
C ILE C 77 20.15 30.36 27.05
N ALA C 78 19.50 29.63 26.13
CA ALA C 78 18.64 28.54 26.57
C ALA C 78 19.38 27.24 26.19
N TYR C 79 19.13 26.22 27.01
CA TYR C 79 19.80 24.94 26.86
C TYR C 79 18.84 23.72 26.89
N MET C 80 19.32 22.62 26.32
CA MET C 80 18.56 21.35 26.40
C MET C 80 19.52 20.22 26.79
N GLN C 81 19.20 19.54 27.87
CA GLN C 81 20.08 18.44 28.15
C GLN C 81 19.43 17.12 27.84
N LEU C 82 20.15 16.34 27.05
CA LEU C 82 19.68 15.02 26.66
C LEU C 82 20.46 14.00 27.46
N SER C 83 19.73 13.15 28.14
CA SER C 83 20.22 12.08 28.98
C SER C 83 20.56 10.81 28.19
N SER C 84 21.23 9.88 28.86
CA SER C 84 21.66 8.56 28.39
C SER C 84 21.45 8.33 26.91
N LEU C 85 22.23 9.00 26.11
CA LEU C 85 22.12 8.88 24.69
C LEU C 85 22.22 7.46 24.16
N THR C 86 21.33 7.15 23.22
CA THR C 86 21.30 5.89 22.51
C THR C 86 21.25 6.32 21.03
N SER C 87 21.26 5.37 20.11
CA SER C 87 21.26 5.72 18.69
C SER C 87 19.95 6.39 18.24
N GLU C 88 18.89 6.18 18.99
CA GLU C 88 17.60 6.78 18.66
C GLU C 88 17.62 8.29 18.86
N ASP C 89 18.68 8.78 19.48
CA ASP C 89 18.83 10.20 19.77
C ASP C 89 19.67 10.86 18.68
N SER C 90 20.28 10.10 17.79
CA SER C 90 21.04 10.80 16.75
C SER C 90 20.02 11.61 15.89
N ALA C 91 20.25 12.91 15.73
CA ALA C 91 19.33 13.75 14.98
C ALA C 91 19.84 15.21 14.93
N VAL C 92 19.08 16.13 14.30
CA VAL C 92 19.45 17.56 14.28
C VAL C 92 18.42 18.09 15.25
N TYR C 93 18.90 18.81 16.24
CA TYR C 93 18.04 19.31 17.29
C TYR C 93 17.97 20.79 17.00
N TYR C 94 16.80 21.40 17.27
CA TYR C 94 16.54 22.85 17.05
C TYR C 94 15.79 23.54 18.19
N CYS C 95 16.08 24.84 18.36
CA CYS C 95 15.37 25.74 19.32
C CYS C 95 14.73 26.75 18.34
N ALA C 96 13.69 27.42 18.78
CA ALA C 96 13.00 28.37 17.93
C ALA C 96 12.26 29.19 18.94
N ARG C 97 12.13 30.48 18.66
CA ARG C 97 11.40 31.33 19.58
C ARG C 97 9.99 30.88 19.26
N GLY C 98 9.12 30.74 20.26
CA GLY C 98 7.78 30.29 19.94
C GLY C 98 6.73 31.22 20.51
N GLU C 99 5.89 30.64 21.37
CA GLU C 99 4.81 31.35 22.02
C GLU C 99 5.31 32.68 22.66
N ASP C 100 4.43 33.52 23.22
CA ASP C 100 4.89 34.79 23.76
C ASP C 100 4.40 34.91 25.20
N TYR C 101 5.00 35.79 26.03
CA TYR C 101 4.57 35.94 27.46
C TYR C 101 3.04 36.19 27.57
N TYR C 102 2.45 36.77 26.51
CA TYR C 102 1.00 37.02 26.43
C TYR C 102 0.20 35.74 26.20
N ALA C 103 0.86 34.67 25.76
CA ALA C 103 0.16 33.42 25.51
C ALA C 103 -0.87 33.65 24.42
N TYR C 104 -0.51 34.50 23.47
CA TYR C 104 -1.46 34.80 22.44
C TYR C 104 -0.81 34.53 21.13
N TRP C 105 0.43 34.91 21.01
CA TRP C 105 1.16 34.63 19.80
C TRP C 105 1.75 33.23 20.06
N TYR C 106 2.00 32.44 19.02
CA TYR C 106 2.58 31.12 19.14
C TYR C 106 2.89 30.63 17.75
N VAL C 107 4.14 30.78 17.32
CA VAL C 107 4.57 30.28 16.03
C VAL C 107 6.05 30.16 16.13
N LEU C 108 6.60 29.13 15.54
CA LEU C 108 8.03 28.99 15.58
C LEU C 108 8.41 29.67 14.32
N ASP C 109 8.75 30.94 14.49
CA ASP C 109 9.17 31.82 13.42
C ASP C 109 10.62 31.81 13.30
N TYR C 110 11.31 32.14 14.38
CA TYR C 110 12.77 32.22 14.39
C TYR C 110 13.36 30.94 14.89
N TRP C 111 14.15 30.31 14.03
CA TRP C 111 14.77 29.02 14.26
C TRP C 111 16.26 29.17 14.34
N GLY C 112 16.91 28.21 15.04
CA GLY C 112 18.36 28.22 15.10
C GLY C 112 18.88 27.32 13.99
N GLN C 113 20.19 27.37 13.71
CA GLN C 113 20.76 26.48 12.68
C GLN C 113 20.64 24.96 13.01
N GLY C 114 20.16 24.59 14.18
CA GLY C 114 20.15 23.17 14.47
C GLY C 114 21.52 22.62 14.87
N THR C 115 21.49 21.60 15.70
CA THR C 115 22.68 20.94 16.23
C THR C 115 22.64 19.43 15.92
N THR C 116 23.66 18.98 15.19
CA THR C 116 23.79 17.58 14.81
C THR C 116 24.42 16.72 15.93
N VAL C 117 23.61 15.81 16.47
CA VAL C 117 24.00 14.86 17.48
C VAL C 117 24.10 13.43 16.88
N THR C 118 25.33 12.90 16.78
CA THR C 118 25.57 11.56 16.28
C THR C 118 26.16 10.69 17.42
N VAL C 119 25.32 9.80 17.96
CA VAL C 119 25.71 8.90 19.05
C VAL C 119 26.40 7.69 18.46
N SER C 120 27.67 7.48 18.79
CA SER C 120 28.44 6.33 18.27
C SER C 120 28.08 4.96 18.86
N SER C 121 27.10 4.26 18.34
CA SER C 121 26.75 2.95 18.87
C SER C 121 26.83 1.80 17.86
N GLY C 122 27.14 2.12 16.60
CA GLY C 122 27.19 1.12 15.54
C GLY C 122 28.41 0.24 15.37
N GLY C 123 28.29 -1.02 15.79
CA GLY C 123 29.36 -1.99 15.66
C GLY C 123 29.65 -2.27 14.19
N GLY C 124 28.73 -1.87 13.33
CA GLY C 124 28.93 -2.04 11.90
C GLY C 124 28.26 -3.28 11.33
N GLY C 125 28.15 -3.31 10.01
CA GLY C 125 27.54 -4.45 9.34
C GLY C 125 26.03 -4.52 9.45
N SER C 126 25.42 -4.92 8.33
CA SER C 126 23.98 -5.05 8.24
C SER C 126 23.38 -6.13 9.10
N ASP C 127 22.33 -5.77 9.82
CA ASP C 127 21.61 -6.73 10.64
C ASP C 127 20.86 -7.61 9.66
N ILE C 128 20.87 -8.91 9.94
CA ILE C 128 20.20 -9.84 9.07
C ILE C 128 18.71 -9.55 9.17
N GLU C 129 18.12 -9.36 8.00
CA GLU C 129 16.71 -9.06 7.84
C GLU C 129 15.97 -10.34 7.48
N LEU C 130 14.92 -10.63 8.21
CA LEU C 130 14.16 -11.83 7.96
C LEU C 130 12.76 -11.49 7.45
N THR C 131 12.55 -11.72 6.17
CA THR C 131 11.28 -11.43 5.53
C THR C 131 10.33 -12.61 5.50
N GLN C 132 9.28 -12.54 6.29
CA GLN C 132 8.25 -13.55 6.35
C GLN C 132 7.13 -13.20 5.32
N SER C 133 6.46 -14.21 4.81
CA SER C 133 5.41 -14.03 3.83
C SER C 133 4.69 -15.36 3.89
N PRO C 134 3.37 -15.33 3.95
CA PRO C 134 2.59 -14.09 4.01
C PRO C 134 2.71 -13.45 5.39
N LEU C 135 2.06 -12.31 5.56
CA LEU C 135 2.06 -11.60 6.84
C LEU C 135 0.76 -11.86 7.56
N SER C 136 -0.25 -12.31 6.85
CA SER C 136 -1.51 -12.64 7.50
C SER C 136 -1.82 -13.99 6.87
N LEU C 137 -2.27 -14.96 7.65
CA LEU C 137 -2.62 -16.24 7.08
C LEU C 137 -3.95 -16.76 7.59
N PRO C 138 -4.99 -16.45 6.85
CA PRO C 138 -6.31 -16.88 7.25
C PRO C 138 -6.50 -18.28 6.80
N VAL C 139 -7.02 -19.09 7.71
CA VAL C 139 -7.22 -20.49 7.44
C VAL C 139 -8.40 -20.96 8.22
N SER C 140 -8.81 -22.19 7.91
CA SER C 140 -9.92 -22.87 8.59
C SER C 140 -9.25 -23.98 9.34
N LEU C 141 -9.60 -24.11 10.61
CA LEU C 141 -9.03 -25.16 11.41
C LEU C 141 -9.29 -26.37 10.55
N GLY C 142 -8.20 -27.07 10.24
CA GLY C 142 -8.26 -28.28 9.44
C GLY C 142 -7.15 -28.17 8.44
N ASP C 143 -7.04 -26.97 7.90
CA ASP C 143 -6.08 -26.66 6.84
C ASP C 143 -4.61 -26.93 7.18
N GLN C 144 -3.82 -27.08 6.15
CA GLN C 144 -2.40 -27.22 6.32
C GLN C 144 -1.96 -25.77 6.09
N ALA C 145 -0.81 -25.37 6.64
CA ALA C 145 -0.35 -23.98 6.47
C ALA C 145 1.14 -23.93 6.46
N SER C 146 1.68 -22.92 5.80
CA SER C 146 3.12 -22.78 5.74
C SER C 146 3.43 -21.33 5.93
N ILE C 147 4.63 -21.03 6.37
CA ILE C 147 5.00 -19.65 6.62
C ILE C 147 6.43 -19.59 6.15
N SER C 148 6.70 -18.59 5.31
CA SER C 148 8.03 -18.42 4.73
C SER C 148 8.85 -17.47 5.55
N CYS C 149 10.16 -17.60 5.45
CA CYS C 149 11.04 -16.70 6.14
C CYS C 149 12.23 -16.71 5.26
N ARG C 150 12.60 -15.54 4.76
CA ARG C 150 13.72 -15.39 3.84
C ARG C 150 14.71 -14.46 4.55
N SER C 151 15.99 -14.76 4.41
CA SER C 151 17.03 -13.97 5.04
C SER C 151 17.88 -13.25 4.02
N SER C 152 18.40 -12.10 4.43
CA SER C 152 19.20 -11.30 3.55
C SER C 152 20.50 -11.98 3.24
N GLN C 153 20.90 -12.88 4.12
CA GLN C 153 22.20 -13.51 3.97
C GLN C 153 22.01 -14.93 4.35
N SER C 154 22.84 -15.80 3.78
CA SER C 154 22.81 -17.24 4.07
C SER C 154 22.90 -17.36 5.55
N LEU C 155 22.12 -18.27 6.12
CA LEU C 155 22.14 -18.47 7.55
C LEU C 155 23.04 -19.68 8.06
N VAL C 156 23.90 -20.19 7.17
CA VAL C 156 24.80 -21.29 7.48
C VAL C 156 26.06 -20.80 8.14
N HIS C 157 26.21 -21.14 9.42
CA HIS C 157 27.34 -20.75 10.22
C HIS C 157 28.61 -21.40 9.74
N SER C 158 29.72 -20.83 10.18
CA SER C 158 31.04 -21.32 9.81
C SER C 158 31.11 -22.81 10.16
N ASN C 159 30.66 -23.12 11.37
CA ASN C 159 30.66 -24.47 11.89
C ASN C 159 29.65 -25.40 11.25
N GLY C 160 29.10 -25.00 10.11
CA GLY C 160 28.14 -25.85 9.43
C GLY C 160 26.69 -25.72 9.81
N ASN C 161 26.40 -25.37 11.07
CA ASN C 161 25.01 -25.22 11.53
C ASN C 161 24.23 -24.05 10.95
N THR C 162 22.91 -24.23 10.87
CA THR C 162 22.02 -23.22 10.40
C THR C 162 21.08 -22.86 11.52
N SER C 163 21.33 -21.68 12.06
CA SER C 163 20.63 -21.17 13.19
C SER C 163 19.36 -20.39 12.86
N LEU C 164 18.37 -21.10 12.31
CA LEU C 164 17.05 -20.52 12.01
C LEU C 164 15.99 -21.18 12.93
N HIS C 165 15.20 -20.44 13.72
CA HIS C 165 14.20 -21.05 14.63
C HIS C 165 12.84 -20.31 14.52
N TRP C 166 11.79 -20.92 15.03
CA TRP C 166 10.47 -20.38 14.95
C TRP C 166 9.83 -20.37 16.31
N TYR C 167 9.12 -19.28 16.56
CA TYR C 167 8.47 -19.13 17.82
C TYR C 167 7.00 -18.89 17.49
N LEU C 168 6.17 -19.03 18.53
CA LEU C 168 4.75 -18.79 18.43
C LEU C 168 4.44 -17.88 19.60
N LYS C 169 3.90 -16.70 19.27
CA LYS C 169 3.52 -15.68 20.25
C LYS C 169 2.03 -15.60 20.38
N LYS C 170 1.58 -15.91 21.58
CA LYS C 170 0.16 -15.88 21.92
C LYS C 170 0.04 -14.82 22.98
N PRO C 171 -1.07 -14.07 22.95
CA PRO C 171 -1.29 -13.01 23.91
C PRO C 171 -0.90 -13.39 25.35
N GLY C 172 -0.07 -12.56 25.96
CA GLY C 172 0.30 -12.77 27.35
C GLY C 172 0.88 -14.12 27.74
N GLN C 173 1.76 -14.65 26.90
CA GLN C 173 2.42 -15.95 27.09
C GLN C 173 3.76 -15.83 26.36
N SER C 174 4.81 -16.32 27.00
CA SER C 174 6.15 -16.23 26.43
C SER C 174 6.22 -16.74 25.00
N PRO C 175 7.13 -16.16 24.21
CA PRO C 175 7.19 -16.71 22.85
C PRO C 175 7.49 -18.21 23.07
N LYS C 176 6.82 -19.13 22.35
CA LYS C 176 7.10 -20.55 22.54
C LYS C 176 7.90 -21.17 21.42
N LEU C 177 9.19 -21.49 21.67
CA LEU C 177 10.07 -22.17 20.69
C LEU C 177 9.40 -23.42 20.06
N LEU C 178 9.43 -23.55 18.74
CA LEU C 178 8.79 -24.70 18.09
C LEU C 178 9.76 -25.55 17.29
N ILE C 179 10.58 -24.94 16.45
CA ILE C 179 11.54 -25.66 15.58
C ILE C 179 12.80 -24.84 15.73
N TYR C 180 13.97 -25.48 15.82
CA TYR C 180 15.25 -24.75 15.94
C TYR C 180 16.24 -25.24 14.91
N LYS C 181 17.26 -24.44 14.66
CA LYS C 181 18.32 -24.75 13.70
C LYS C 181 17.83 -25.43 12.40
N VAL C 182 16.62 -25.05 12.02
CA VAL C 182 15.87 -25.43 10.82
C VAL C 182 14.80 -26.51 10.93
N SER C 183 15.24 -27.69 11.36
CA SER C 183 14.39 -28.88 11.42
C SER C 183 14.05 -29.53 12.70
N THR C 184 14.81 -29.29 13.76
CA THR C 184 14.56 -29.98 14.98
C THR C 184 13.40 -29.45 15.72
N ARG C 185 12.41 -30.31 15.87
CA ARG C 185 11.21 -29.96 16.57
C ARG C 185 11.64 -29.79 17.97
N PHE C 186 11.04 -28.83 18.66
CA PHE C 186 11.43 -28.59 20.03
C PHE C 186 10.75 -29.53 21.02
N SER C 187 11.49 -29.91 22.04
CA SER C 187 10.99 -30.79 23.06
C SER C 187 9.61 -30.32 23.45
N GLY C 188 8.64 -31.16 23.13
CA GLY C 188 7.24 -30.93 23.48
C GLY C 188 6.35 -30.35 22.41
N VAL C 189 6.93 -29.95 21.27
CA VAL C 189 6.19 -29.31 20.14
C VAL C 189 5.44 -30.39 19.34
N PRO C 190 4.13 -30.20 19.16
CA PRO C 190 3.24 -31.11 18.42
C PRO C 190 3.80 -31.46 17.05
N ASP C 191 3.83 -32.77 16.78
CA ASP C 191 4.38 -33.34 15.54
C ASP C 191 3.87 -32.79 14.22
N ARG C 192 2.80 -32.00 14.32
CA ARG C 192 2.23 -31.34 13.15
C ARG C 192 3.03 -30.14 12.64
N PHE C 193 3.93 -29.60 13.47
CA PHE C 193 4.81 -28.47 13.08
C PHE C 193 6.04 -29.10 12.45
N SER C 194 6.64 -28.44 11.48
CA SER C 194 7.78 -29.03 10.82
C SER C 194 8.57 -27.86 10.27
N GLY C 195 9.83 -28.13 9.98
CA GLY C 195 10.73 -27.10 9.49
C GLY C 195 11.73 -27.58 8.46
N SER C 196 11.92 -26.74 7.45
CA SER C 196 12.84 -27.02 6.38
C SER C 196 13.38 -25.68 5.94
N GLY C 197 14.35 -25.73 5.04
CA GLY C 197 14.94 -24.54 4.48
C GLY C 197 16.41 -24.78 4.26
N SER C 198 17.08 -23.82 3.63
CA SER C 198 18.47 -23.96 3.36
C SER C 198 18.97 -22.59 2.93
N GLY C 199 20.10 -22.19 3.53
CA GLY C 199 20.74 -20.90 3.29
C GLY C 199 19.89 -19.70 3.67
N THR C 200 19.22 -19.11 2.68
CA THR C 200 18.34 -17.93 2.88
C THR C 200 16.86 -18.29 2.78
N ASP C 201 16.52 -19.53 2.35
CA ASP C 201 15.10 -19.91 2.22
C ASP C 201 14.69 -20.94 3.24
N PHE C 202 13.64 -20.64 4.03
CA PHE C 202 13.11 -21.51 5.13
C PHE C 202 11.56 -21.58 5.23
N THR C 203 11.01 -22.72 5.69
CA THR C 203 9.54 -22.90 5.80
C THR C 203 9.16 -23.65 7.04
N LEU C 204 8.01 -23.27 7.59
CA LEU C 204 7.34 -23.87 8.75
C LEU C 204 6.03 -24.52 8.18
N LYS C 205 5.62 -25.67 8.72
CA LYS C 205 4.42 -26.34 8.22
C LYS C 205 3.55 -27.03 9.28
N ILE C 206 2.28 -26.62 9.34
CA ILE C 206 1.30 -27.17 10.27
C ILE C 206 0.51 -28.02 9.30
N SER C 207 0.63 -29.33 9.46
CA SER C 207 -0.01 -30.28 8.57
C SER C 207 -1.52 -30.27 8.68
N ARG C 208 -2.06 -29.93 9.83
CA ARG C 208 -3.50 -29.89 10.05
C ARG C 208 -3.56 -28.87 11.17
N VAL C 209 -4.24 -27.74 10.93
CA VAL C 209 -4.29 -26.63 11.90
C VAL C 209 -5.33 -26.77 13.00
N GLU C 210 -4.86 -26.46 14.21
CA GLU C 210 -5.63 -26.53 15.43
C GLU C 210 -5.82 -25.08 15.86
N ALA C 211 -6.84 -24.83 16.68
CA ALA C 211 -7.19 -23.50 17.21
C ALA C 211 -6.06 -22.91 18.06
N GLU C 212 -5.38 -23.79 18.81
CA GLU C 212 -4.28 -23.45 19.69
C GLU C 212 -3.05 -23.03 18.91
N ASP C 213 -3.03 -23.29 17.63
CA ASP C 213 -1.88 -22.92 16.88
C ASP C 213 -2.01 -21.49 16.40
N LEU C 214 -3.20 -20.90 16.56
CA LEU C 214 -3.47 -19.51 16.14
C LEU C 214 -2.71 -18.51 17.07
N GLY C 215 -1.93 -17.62 16.46
CA GLY C 215 -1.14 -16.64 17.22
C GLY C 215 -0.31 -15.94 16.15
N VAL C 216 0.88 -15.44 16.48
CA VAL C 216 1.74 -14.80 15.49
C VAL C 216 3.04 -15.57 15.52
N TYR C 217 3.53 -15.95 14.34
CA TYR C 217 4.72 -16.77 14.17
C TYR C 217 5.94 -15.94 13.78
N PHE C 218 7.06 -16.15 14.49
CA PHE C 218 8.29 -15.41 14.21
C PHE C 218 9.45 -16.29 13.86
N CYS C 219 10.01 -16.21 12.66
CA CYS C 219 11.22 -16.95 12.46
C CYS C 219 12.27 -16.09 13.25
N SER C 220 13.54 -16.51 13.23
CA SER C 220 14.63 -15.85 13.96
C SER C 220 15.96 -16.42 13.53
N GLN C 221 17.04 -15.75 13.91
CA GLN C 221 18.37 -16.25 13.59
C GLN C 221 19.42 -15.95 14.71
N SER C 222 20.41 -16.85 14.83
CA SER C 222 21.49 -16.76 15.80
C SER C 222 22.79 -16.83 15.06
N THR C 223 22.75 -17.04 13.74
CA THR C 223 23.99 -17.16 12.98
C THR C 223 24.91 -15.95 13.08
N HIS C 224 24.28 -14.78 13.04
CA HIS C 224 25.07 -13.55 13.03
C HIS C 224 24.70 -12.65 14.19
N VAL C 225 25.60 -11.75 14.58
CA VAL C 225 25.25 -10.82 15.66
C VAL C 225 24.81 -9.49 15.09
N PRO C 226 23.67 -8.98 15.57
CA PRO C 226 22.80 -9.56 16.60
C PRO C 226 21.71 -10.55 16.11
N PHE C 227 21.18 -11.24 17.11
CA PHE C 227 20.15 -12.22 16.95
C PHE C 227 18.97 -11.33 16.58
N THR C 228 18.34 -11.62 15.44
CA THR C 228 17.21 -10.90 14.91
C THR C 228 16.03 -11.84 14.69
N PHE C 229 14.85 -11.26 14.77
CA PHE C 229 13.57 -11.94 14.54
C PHE C 229 12.91 -11.47 13.19
N GLY C 230 11.86 -12.16 12.77
CA GLY C 230 11.15 -11.79 11.59
C GLY C 230 10.04 -10.91 12.14
N SER C 231 9.29 -10.27 11.22
CA SER C 231 8.21 -9.35 11.64
C SER C 231 6.93 -9.96 12.13
N GLY C 232 6.77 -11.27 11.88
CA GLY C 232 5.57 -12.00 12.34
C GLY C 232 4.63 -12.39 11.20
N THR C 233 3.80 -13.39 11.46
CA THR C 233 2.83 -13.90 10.50
C THR C 233 1.70 -14.38 11.32
N LYS C 234 0.64 -13.58 11.35
CA LYS C 234 -0.59 -13.85 12.06
C LYS C 234 -1.43 -14.95 11.35
N LEU C 235 -1.35 -16.15 11.92
CA LEU C 235 -2.10 -17.30 11.45
C LEU C 235 -3.39 -17.09 12.20
N GLU C 236 -4.41 -16.72 11.43
CA GLU C 236 -5.71 -16.47 12.03
C GLU C 236 -6.79 -17.26 11.35
N LEU C 237 -7.92 -17.36 12.02
CA LEU C 237 -9.06 -18.09 11.53
C LEU C 237 -9.75 -17.24 10.47
N LYS C 238 -10.20 -17.90 9.41
CA LYS C 238 -10.93 -17.27 8.31
C LYS C 238 -12.31 -17.00 8.90
N VAL D 1 14.75 -26.46 34.25
CA VAL D 1 15.24 -25.10 34.38
C VAL D 1 14.11 -24.08 34.36
N GLN D 2 14.13 -23.14 35.29
CA GLN D 2 13.10 -22.11 35.36
C GLN D 2 13.74 -20.70 35.41
N LEU D 3 13.10 -19.74 34.73
CA LEU D 3 13.55 -18.34 34.71
C LEU D 3 12.45 -17.57 35.37
N GLN D 4 12.79 -16.81 36.42
CA GLN D 4 11.81 -16.02 37.14
C GLN D 4 12.19 -14.55 37.30
N GLN D 5 11.40 -13.71 36.61
CA GLN D 5 11.62 -12.27 36.63
C GLN D 5 10.78 -11.51 37.63
N SER D 6 11.34 -10.38 38.04
CA SER D 6 10.65 -9.52 38.99
C SER D 6 9.33 -9.07 38.36
N GLY D 7 8.50 -8.48 39.20
CA GLY D 7 7.17 -7.97 38.86
C GLY D 7 7.06 -6.70 38.06
N THR D 8 5.79 -6.35 37.86
CA THR D 8 5.38 -5.18 37.08
C THR D 8 5.87 -3.91 37.68
N GLU D 9 6.53 -3.10 36.88
CA GLU D 9 7.02 -1.83 37.35
C GLU D 9 6.28 -0.63 36.77
N LEU D 10 5.74 0.24 37.61
CA LEU D 10 5.08 1.47 37.14
C LEU D 10 6.17 2.56 37.37
N MET D 11 6.89 2.93 36.31
CA MET D 11 8.00 3.91 36.41
C MET D 11 7.73 5.38 36.05
N LYS D 12 8.46 6.34 36.63
CA LYS D 12 8.28 7.75 36.29
C LYS D 12 9.29 8.01 35.16
N PRO D 13 9.06 9.04 34.31
CA PRO D 13 10.10 9.15 33.29
C PRO D 13 11.36 9.65 33.96
N GLY D 14 12.51 9.19 33.52
CA GLY D 14 13.71 9.62 34.20
C GLY D 14 14.18 8.50 35.12
N ARG D 15 13.26 7.86 35.86
CA ARG D 15 13.64 6.79 36.74
C ARG D 15 14.44 5.71 36.01
N SER D 16 15.43 5.15 36.71
CA SER D 16 16.21 4.06 36.16
C SER D 16 15.63 2.85 36.84
N LEU D 17 15.67 1.69 36.19
CA LEU D 17 15.08 0.49 36.81
C LEU D 17 15.93 -0.74 36.48
N LYS D 18 15.89 -1.75 37.35
CA LYS D 18 16.70 -2.96 37.17
C LYS D 18 15.85 -4.14 37.44
N ILE D 19 15.65 -4.95 36.38
CA ILE D 19 14.82 -6.16 36.44
C ILE D 19 15.68 -7.43 36.59
N SER D 20 15.22 -8.38 37.38
CA SER D 20 15.96 -9.61 37.63
C SER D 20 15.40 -10.89 37.02
N CYS D 21 16.31 -11.83 36.83
CA CYS D 21 16.00 -13.09 36.24
C CYS D 21 16.70 -14.20 37.02
N LYS D 22 15.97 -14.78 37.98
CA LYS D 22 16.44 -15.85 38.88
C LYS D 22 16.41 -17.16 38.14
N THR D 23 17.52 -17.56 37.51
CA THR D 23 17.54 -18.81 36.77
C THR D 23 17.64 -19.97 37.75
N THR D 24 16.85 -21.02 37.52
CA THR D 24 16.80 -22.21 38.35
C THR D 24 17.11 -23.50 37.57
N GLY D 25 17.32 -24.56 38.32
CA GLY D 25 17.56 -25.86 37.72
C GLY D 25 18.72 -26.16 36.85
N TYR D 26 19.78 -25.36 36.81
CA TYR D 26 20.94 -25.74 35.95
C TYR D 26 22.12 -24.86 36.26
N ILE D 27 23.29 -25.23 35.76
CA ILE D 27 24.54 -24.52 36.00
C ILE D 27 24.67 -23.16 35.34
N PHE D 28 24.12 -22.17 36.01
CA PHE D 28 24.13 -20.76 35.64
C PHE D 28 25.27 -20.31 34.69
N SER D 29 26.52 -20.42 35.10
CA SER D 29 27.61 -19.96 34.23
C SER D 29 27.79 -20.71 32.93
N ASN D 30 26.89 -21.65 32.66
CA ASN D 30 26.96 -22.49 31.46
C ASN D 30 26.35 -21.95 30.15
N TYR D 31 25.37 -21.06 30.30
CA TYR D 31 24.67 -20.48 29.16
C TYR D 31 24.54 -18.98 29.30
N TRP D 32 24.70 -18.26 28.18
CA TRP D 32 24.47 -16.81 28.26
C TRP D 32 22.99 -16.59 28.48
N ILE D 33 22.63 -15.59 29.29
CA ILE D 33 21.21 -15.26 29.46
C ILE D 33 20.89 -14.10 28.47
N GLU D 34 19.90 -14.30 27.59
CA GLU D 34 19.58 -13.25 26.64
C GLU D 34 18.28 -12.48 26.95
N TRP D 35 18.30 -11.18 26.68
CA TRP D 35 17.15 -10.33 26.95
C TRP D 35 16.45 -9.85 25.68
N VAL D 36 15.13 -9.82 25.78
CA VAL D 36 14.24 -9.47 24.69
C VAL D 36 13.09 -8.51 25.09
N LYS D 37 12.84 -7.52 24.22
CA LYS D 37 11.76 -6.50 24.38
C LYS D 37 10.57 -6.82 23.47
N GLN D 38 9.39 -6.75 24.07
CA GLN D 38 8.11 -7.04 23.39
C GLN D 38 7.25 -5.78 23.57
N ARG D 39 7.31 -4.89 22.61
CA ARG D 39 6.55 -3.67 22.75
C ARG D 39 5.19 -3.78 22.07
N PRO D 40 4.16 -3.23 22.69
CA PRO D 40 2.80 -3.27 22.13
C PRO D 40 2.78 -2.80 20.66
N GLY D 41 2.18 -3.62 19.81
CA GLY D 41 2.07 -3.30 18.40
C GLY D 41 3.42 -3.49 17.77
N HIS D 42 4.38 -4.02 18.49
CA HIS D 42 5.66 -4.24 17.83
C HIS D 42 5.99 -5.72 17.92
N GLY D 43 7.01 -6.14 17.19
CA GLY D 43 7.38 -7.54 17.19
C GLY D 43 8.08 -7.89 18.48
N LEU D 44 9.29 -8.38 18.31
CA LEU D 44 10.13 -8.80 19.42
C LEU D 44 11.46 -8.18 19.05
N GLU D 45 12.19 -7.70 20.04
CA GLU D 45 13.49 -7.18 19.71
C GLU D 45 14.43 -7.86 20.70
N TRP D 46 15.68 -8.00 20.26
CA TRP D 46 16.78 -8.60 21.03
C TRP D 46 17.64 -7.48 21.57
N ILE D 47 17.52 -7.26 22.88
CA ILE D 47 18.26 -6.22 23.62
C ILE D 47 19.76 -6.60 23.64
N GLY D 48 20.07 -7.78 24.21
CA GLY D 48 21.44 -8.27 24.28
C GLY D 48 21.58 -9.52 25.17
N LYS D 49 22.83 -9.81 25.57
CA LYS D 49 23.17 -11.00 26.38
C LYS D 49 24.44 -10.90 27.27
N ILE D 50 24.42 -11.71 28.33
CA ILE D 50 25.53 -11.82 29.28
C ILE D 50 25.87 -13.31 29.51
N LEU D 51 27.15 -13.57 29.81
CA LEU D 51 27.64 -14.93 30.16
C LEU D 51 27.95 -14.77 31.64
N PRO D 52 27.08 -15.28 32.53
CA PRO D 52 27.51 -15.03 33.91
C PRO D 52 28.85 -15.71 34.19
N GLY D 53 29.62 -15.18 35.14
CA GLY D 53 30.91 -15.77 35.43
C GLY D 53 31.87 -14.78 34.85
N GLY D 54 32.08 -14.84 33.54
CA GLY D 54 32.95 -13.83 32.94
C GLY D 54 32.33 -12.46 33.23
N GLY D 55 31.02 -12.37 33.03
CA GLY D 55 30.34 -11.12 33.22
C GLY D 55 30.54 -10.42 31.88
N SER D 56 30.82 -11.25 30.87
CA SER D 56 31.01 -10.79 29.51
C SER D 56 29.60 -10.52 28.91
N ASN D 57 29.48 -9.41 28.15
CA ASN D 57 28.20 -8.91 27.55
C ASN D 57 28.22 -8.48 26.07
N THR D 58 27.06 -8.62 25.41
CA THR D 58 26.81 -8.20 24.01
C THR D 58 25.46 -7.43 23.96
N TYR D 59 25.44 -6.31 23.26
CA TYR D 59 24.22 -5.51 23.19
C TYR D 59 23.86 -5.21 21.75
N ASN D 60 22.56 -5.04 21.52
CA ASN D 60 22.08 -4.67 20.22
C ASN D 60 22.41 -3.17 20.19
N ASP D 61 23.25 -2.73 19.27
CA ASP D 61 23.58 -1.31 19.15
C ASP D 61 22.46 -0.40 19.57
N LYS D 62 21.25 -0.75 19.19
CA LYS D 62 20.09 0.05 19.53
C LYS D 62 19.87 0.24 21.02
N PHE D 63 20.27 -0.77 21.83
CA PHE D 63 20.09 -0.71 23.27
C PHE D 63 21.28 -0.23 24.08
N LYS D 64 22.38 0.01 23.41
CA LYS D 64 23.55 0.52 24.04
C LYS D 64 23.17 1.93 24.54
N GLY D 65 23.30 2.18 25.83
CA GLY D 65 22.92 3.45 26.34
C GLY D 65 21.63 3.24 27.07
N LYS D 66 20.93 2.20 26.71
CA LYS D 66 19.71 1.97 27.40
C LYS D 66 19.78 0.81 28.36
N ALA D 67 20.32 -0.33 27.91
CA ALA D 67 20.38 -1.59 28.70
C ALA D 67 21.76 -1.92 29.13
N THR D 68 21.89 -2.28 30.40
CA THR D 68 23.19 -2.70 30.93
C THR D 68 22.97 -4.02 31.65
N PHE D 69 23.80 -5.01 31.35
CA PHE D 69 23.60 -6.29 32.01
C PHE D 69 24.57 -6.56 33.17
N THR D 70 24.13 -7.53 33.96
CA THR D 70 24.80 -8.02 35.14
C THR D 70 24.17 -9.40 35.46
N ALA D 71 24.96 -10.22 36.14
CA ALA D 71 24.55 -11.57 36.52
C ALA D 71 25.26 -11.87 37.82
N ASP D 72 24.51 -12.31 38.81
CA ASP D 72 25.15 -12.64 40.06
C ASP D 72 25.37 -14.16 40.26
N THR D 73 26.46 -14.71 39.74
CA THR D 73 26.70 -16.13 39.92
C THR D 73 26.64 -16.63 41.40
N SER D 74 26.67 -15.69 42.35
CA SER D 74 26.57 -16.09 43.74
C SER D 74 25.15 -16.58 43.82
N SER D 75 24.22 -15.69 43.51
CA SER D 75 22.79 -15.97 43.55
C SER D 75 22.16 -16.69 42.35
N ASN D 76 22.85 -16.72 41.20
CA ASN D 76 22.31 -17.32 39.96
C ASN D 76 21.18 -16.44 39.34
N ILE D 77 21.10 -15.18 39.75
CA ILE D 77 20.12 -14.22 39.26
C ILE D 77 20.83 -13.29 38.28
N ALA D 78 20.26 -13.11 37.08
CA ALA D 78 20.84 -12.17 36.11
C ALA D 78 19.97 -10.91 36.16
N TYR D 79 20.57 -9.78 35.80
CA TYR D 79 19.88 -8.48 35.80
C TYR D 79 19.95 -7.66 34.50
N MET D 80 18.97 -6.75 34.37
CA MET D 80 18.91 -5.81 33.28
C MET D 80 18.48 -4.46 33.80
N GLN D 81 19.42 -3.51 33.73
CA GLN D 81 19.12 -2.15 34.16
C GLN D 81 18.83 -1.26 32.95
N LEU D 82 17.71 -0.55 33.07
CA LEU D 82 17.22 0.38 32.04
C LEU D 82 17.39 1.82 32.53
N SER D 83 18.21 2.58 31.79
CA SER D 83 18.48 3.96 32.12
C SER D 83 17.34 4.87 31.74
N SER D 84 17.38 6.11 32.27
CA SER D 84 16.42 7.22 32.03
C SER D 84 15.17 6.82 31.27
N LEU D 85 14.21 6.28 31.98
CA LEU D 85 13.00 5.86 31.34
C LEU D 85 12.15 6.98 30.70
N THR D 86 11.79 6.69 29.46
CA THR D 86 10.96 7.50 28.58
C THR D 86 9.87 6.48 28.20
N SER D 87 8.74 6.94 27.68
CA SER D 87 7.65 6.03 27.33
C SER D 87 8.00 4.99 26.26
N GLU D 88 9.01 5.25 25.42
CA GLU D 88 9.38 4.24 24.43
C GLU D 88 9.92 3.01 25.11
N ASP D 89 10.17 3.12 26.44
CA ASP D 89 10.68 2.03 27.28
C ASP D 89 9.57 1.11 27.82
N SER D 90 8.33 1.57 27.72
CA SER D 90 7.22 0.78 28.19
C SER D 90 7.09 -0.39 27.22
N ALA D 91 7.07 -1.60 27.78
CA ALA D 91 6.98 -2.85 27.04
C ALA D 91 7.09 -4.03 28.05
N VAL D 92 7.05 -5.25 27.51
CA VAL D 92 7.23 -6.47 28.32
C VAL D 92 8.65 -6.89 28.04
N TYR D 93 9.39 -7.13 29.10
CA TYR D 93 10.78 -7.52 28.92
C TYR D 93 10.98 -8.99 29.30
N TYR D 94 11.93 -9.64 28.66
CA TYR D 94 12.13 -11.06 28.92
C TYR D 94 13.58 -11.39 28.94
N CYS D 95 13.83 -12.56 29.51
CA CYS D 95 15.16 -13.18 29.58
C CYS D 95 14.90 -14.61 29.10
N ALA D 96 15.92 -15.18 28.49
CA ALA D 96 15.84 -16.52 27.98
C ALA D 96 17.23 -17.05 28.02
N ARG D 97 17.36 -18.28 28.45
CA ARG D 97 18.68 -18.90 28.49
C ARG D 97 18.96 -19.06 27.00
N GLY D 98 20.13 -18.72 26.54
CA GLY D 98 20.37 -18.83 25.11
C GLY D 98 21.54 -19.68 24.76
N GLU D 99 22.51 -19.08 24.11
CA GLU D 99 23.74 -19.72 23.68
C GLU D 99 24.44 -20.54 24.82
N ASP D 100 25.03 -21.68 24.47
CA ASP D 100 25.74 -22.49 25.46
C ASP D 100 27.15 -21.87 25.51
N TYR D 101 27.90 -22.07 26.60
CA TYR D 101 29.24 -21.54 26.66
C TYR D 101 30.13 -21.96 25.48
N TYR D 102 29.94 -23.14 24.92
CA TYR D 102 30.82 -23.61 23.83
C TYR D 102 30.42 -23.24 22.42
N ALA D 103 29.50 -22.28 22.35
CA ALA D 103 28.98 -21.72 21.11
C ALA D 103 28.55 -22.78 20.11
N TYR D 104 27.95 -23.86 20.62
CA TYR D 104 27.46 -24.90 19.74
C TYR D 104 25.96 -24.91 19.80
N TRP D 105 25.47 -24.55 20.98
CA TRP D 105 24.04 -24.44 21.15
C TRP D 105 23.67 -22.94 21.24
N TYR D 106 22.57 -22.55 20.60
CA TYR D 106 22.12 -21.16 20.68
C TYR D 106 20.73 -21.03 20.20
N VAL D 107 19.82 -21.00 21.15
CA VAL D 107 18.44 -20.79 20.82
C VAL D 107 17.87 -20.29 22.12
N LEU D 108 16.85 -19.46 22.03
CA LEU D 108 16.23 -18.96 23.22
C LEU D 108 15.18 -19.99 23.48
N ASP D 109 15.57 -21.03 24.22
CA ASP D 109 14.62 -22.08 24.57
C ASP D 109 13.84 -21.85 25.82
N TYR D 110 14.50 -21.45 26.90
CA TYR D 110 13.75 -21.22 28.14
C TYR D 110 13.53 -19.78 28.25
N TRP D 111 12.27 -19.42 28.44
CA TRP D 111 11.90 -18.03 28.55
C TRP D 111 11.49 -17.66 29.97
N GLY D 112 11.70 -16.38 30.36
CA GLY D 112 11.31 -15.93 31.68
C GLY D 112 9.83 -15.62 31.54
N GLN D 113 9.12 -15.26 32.60
CA GLN D 113 7.70 -14.96 32.36
C GLN D 113 7.45 -13.51 31.93
N GLY D 114 8.54 -12.78 31.65
CA GLY D 114 8.42 -11.41 31.21
C GLY D 114 8.02 -10.45 32.29
N THR D 115 8.55 -9.25 32.17
CA THR D 115 8.29 -8.18 33.13
C THR D 115 7.67 -7.02 32.36
N THR D 116 6.54 -6.52 32.87
CA THR D 116 5.85 -5.40 32.25
C THR D 116 6.27 -4.06 32.84
N VAL D 117 6.96 -3.26 32.04
CA VAL D 117 7.42 -1.94 32.49
C VAL D 117 6.62 -0.83 31.81
N THR D 118 5.89 -0.07 32.63
CA THR D 118 5.09 1.07 32.21
C THR D 118 5.62 2.41 32.73
N VAL D 119 6.27 3.17 31.87
CA VAL D 119 6.77 4.49 32.25
C VAL D 119 5.63 5.55 32.27
N SER D 120 5.22 5.99 33.44
CA SER D 120 4.18 6.98 33.58
C SER D 120 4.47 8.34 32.91
N SER D 121 4.45 8.42 31.58
CA SER D 121 4.67 9.69 30.89
C SER D 121 3.34 10.14 30.30
N GLY D 122 2.63 10.98 31.07
CA GLY D 122 1.34 11.44 30.61
C GLY D 122 1.05 12.89 30.94
N GLY D 123 0.34 13.56 30.04
CA GLY D 123 0.00 14.96 30.22
C GLY D 123 -0.72 15.51 29.01
N GLY D 124 -1.33 14.60 28.24
CA GLY D 124 -2.06 15.00 27.05
C GLY D 124 -2.89 13.84 26.54
N GLY D 125 -3.76 14.10 25.59
CA GLY D 125 -4.60 13.05 25.02
C GLY D 125 -4.04 12.55 23.71
N SER D 126 -4.90 12.01 22.86
CA SER D 126 -4.47 11.50 21.55
C SER D 126 -3.88 12.63 20.70
N ASP D 127 -2.55 12.66 20.63
CA ASP D 127 -1.78 13.68 19.86
C ASP D 127 -2.45 14.08 18.55
N ILE D 128 -2.65 15.39 18.37
CA ILE D 128 -3.31 15.87 17.15
C ILE D 128 -2.60 15.33 15.91
N GLU D 129 -3.44 14.74 15.08
CA GLU D 129 -2.99 14.15 13.87
C GLU D 129 -3.39 14.98 12.70
N LEU D 130 -2.39 15.56 12.07
CA LEU D 130 -2.51 16.39 10.90
C LEU D 130 -2.29 15.57 9.59
N THR D 131 -3.38 15.05 9.00
CA THR D 131 -3.29 14.28 7.77
C THR D 131 -3.05 15.18 6.56
N GLN D 132 -1.83 15.14 5.98
CA GLN D 132 -1.50 15.94 4.79
C GLN D 132 -1.65 15.13 3.50
N SER D 133 -2.28 15.72 2.48
CA SER D 133 -2.38 15.07 1.15
C SER D 133 -2.15 16.07 0.00
N PRO D 134 -1.47 15.65 -1.05
CA PRO D 134 -0.82 14.37 -1.36
C PRO D 134 0.43 14.24 -0.49
N LEU D 135 1.10 13.10 -0.59
CA LEU D 135 2.33 12.87 0.16
C LEU D 135 3.50 13.28 -0.70
N SER D 136 3.32 13.23 -2.02
CA SER D 136 4.36 13.63 -2.96
C SER D 136 3.65 14.45 -4.04
N LEU D 137 4.25 15.60 -4.43
CA LEU D 137 3.62 16.46 -5.45
C LEU D 137 4.56 16.75 -6.58
N PRO D 138 4.35 16.07 -7.68
CA PRO D 138 5.24 16.35 -8.79
C PRO D 138 4.57 17.45 -9.64
N VAL D 139 5.37 18.44 -10.05
CA VAL D 139 4.88 19.57 -10.81
C VAL D 139 5.97 19.97 -11.74
N SER D 140 5.78 21.11 -12.38
CA SER D 140 6.76 21.67 -13.32
C SER D 140 6.90 23.08 -12.83
N LEU D 141 8.07 23.66 -13.00
CA LEU D 141 8.27 25.03 -12.57
C LEU D 141 7.28 25.83 -13.37
N GLY D 142 6.51 26.64 -12.66
CA GLY D 142 5.50 27.47 -13.28
C GLY D 142 4.14 27.08 -12.75
N ASP D 143 3.88 25.80 -12.66
CA ASP D 143 2.59 25.34 -12.22
C ASP D 143 2.12 25.86 -10.84
N GLN D 144 0.85 25.59 -10.57
CA GLN D 144 0.25 25.91 -9.31
C GLN D 144 0.24 24.55 -8.58
N ALA D 145 0.52 24.58 -7.27
CA ALA D 145 0.53 23.39 -6.43
C ALA D 145 -0.20 23.73 -5.17
N SER D 146 -0.98 22.79 -4.67
CA SER D 146 -1.70 22.98 -3.43
C SER D 146 -1.37 21.76 -2.56
N ILE D 147 -1.40 21.94 -1.25
CA ILE D 147 -1.08 20.87 -0.32
C ILE D 147 -2.12 20.97 0.71
N SER D 148 -2.64 19.82 1.11
CA SER D 148 -3.71 19.73 2.08
C SER D 148 -3.21 19.23 3.40
N CYS D 149 -3.87 19.68 4.46
CA CYS D 149 -3.51 19.25 5.76
C CYS D 149 -4.83 19.24 6.40
N ARG D 150 -5.15 18.13 7.04
CA ARG D 150 -6.41 17.92 7.72
C ARG D 150 -6.08 17.47 9.16
N SER D 151 -6.57 18.21 10.15
CA SER D 151 -6.35 17.89 11.54
C SER D 151 -7.42 16.89 12.03
N SER D 152 -7.13 16.24 13.16
CA SER D 152 -8.07 15.29 13.75
C SER D 152 -9.09 16.01 14.62
N GLN D 153 -8.85 17.29 14.86
CA GLN D 153 -9.75 18.06 15.73
C GLN D 153 -9.71 19.49 15.24
N SER D 154 -10.70 20.29 15.62
CA SER D 154 -10.74 21.67 15.19
C SER D 154 -9.59 22.35 15.87
N LEU D 155 -8.88 23.18 15.11
CA LEU D 155 -7.76 23.92 15.61
C LEU D 155 -8.22 25.31 15.92
N VAL D 156 -9.50 25.49 16.18
CA VAL D 156 -9.99 26.83 16.47
C VAL D 156 -9.83 27.02 17.95
N HIS D 157 -8.83 27.80 18.32
CA HIS D 157 -8.59 28.04 19.74
C HIS D 157 -9.67 28.92 20.33
N SER D 158 -9.76 28.95 21.66
CA SER D 158 -10.72 29.80 22.33
C SER D 158 -10.37 31.27 22.08
N ASN D 159 -9.13 31.52 21.66
CA ASN D 159 -8.68 32.87 21.39
C ASN D 159 -9.43 33.35 20.18
N GLY D 160 -10.14 32.44 19.54
CA GLY D 160 -10.90 32.78 18.36
C GLY D 160 -10.07 32.38 17.15
N ASN D 161 -8.74 32.47 17.25
CA ASN D 161 -7.90 32.08 16.12
C ASN D 161 -7.65 30.60 16.03
N THR D 162 -7.06 30.21 14.90
CA THR D 162 -6.73 28.83 14.61
C THR D 162 -5.25 28.83 14.37
N SER D 163 -4.55 28.08 15.20
CA SER D 163 -3.12 28.07 15.15
C SER D 163 -2.64 26.93 14.27
N LEU D 164 -2.65 27.18 12.96
CA LEU D 164 -2.21 26.23 11.94
C LEU D 164 -1.22 26.96 11.00
N HIS D 165 0.01 26.41 10.81
CA HIS D 165 1.08 27.06 10.04
C HIS D 165 1.79 26.09 9.08
N TRP D 166 2.52 26.64 8.11
CA TRP D 166 3.17 25.84 7.12
C TRP D 166 4.64 26.18 7.14
N TYR D 167 5.46 25.13 7.01
CA TYR D 167 6.91 25.25 6.95
C TYR D 167 7.45 24.58 5.67
N LEU D 168 8.64 25.00 5.26
CA LEU D 168 9.38 24.47 4.14
C LEU D 168 10.75 24.00 4.68
N LYS D 169 10.97 22.70 4.52
CA LYS D 169 12.20 22.05 4.96
C LYS D 169 13.07 21.77 3.76
N LYS D 170 14.17 22.50 3.67
CA LYS D 170 15.09 22.31 2.57
C LYS D 170 16.34 21.67 3.16
N PRO D 171 17.06 20.88 2.36
CA PRO D 171 18.29 20.17 2.74
C PRO D 171 19.38 20.97 3.45
N GLY D 172 19.61 20.61 4.71
CA GLY D 172 20.64 21.29 5.48
C GLY D 172 20.24 22.69 5.79
N GLN D 173 18.94 22.95 5.94
CA GLN D 173 18.43 24.29 6.23
C GLN D 173 17.28 24.07 7.14
N SER D 174 17.23 24.79 8.26
CA SER D 174 16.16 24.58 9.23
C SER D 174 14.82 24.94 8.63
N PRO D 175 13.73 24.47 9.26
CA PRO D 175 12.42 24.79 8.72
C PRO D 175 12.26 26.31 8.58
N LYS D 176 11.69 26.71 7.44
CA LYS D 176 11.42 28.09 7.13
C LYS D 176 9.92 28.22 7.23
N LEU D 177 9.47 29.01 8.20
CA LEU D 177 8.04 29.33 8.41
C LEU D 177 7.56 30.08 7.15
N LEU D 178 6.39 29.69 6.61
CA LEU D 178 5.83 30.32 5.38
C LEU D 178 4.54 31.11 5.65
N ILE D 179 3.60 30.49 6.35
CA ILE D 179 2.31 31.10 6.65
C ILE D 179 1.94 30.66 8.07
N TYR D 180 1.43 31.56 8.91
CA TYR D 180 0.98 31.21 10.27
C TYR D 180 -0.49 31.50 10.43
N LYS D 181 -0.98 31.22 11.62
CA LYS D 181 -2.40 31.33 11.86
C LYS D 181 -3.22 31.25 10.53
N VAL D 182 -2.95 30.19 9.76
CA VAL D 182 -3.66 29.89 8.54
C VAL D 182 -3.36 30.66 7.27
N SER D 183 -3.37 31.98 7.33
CA SER D 183 -3.16 32.74 6.12
C SER D 183 -2.15 33.87 6.06
N THR D 184 -1.46 34.16 7.18
CA THR D 184 -0.46 35.22 7.23
C THR D 184 0.91 34.77 6.72
N ARG D 185 1.48 35.46 5.75
CA ARG D 185 2.81 35.11 5.24
C ARG D 185 3.89 35.74 6.13
N PHE D 186 4.90 34.95 6.48
CA PHE D 186 5.96 35.44 7.30
C PHE D 186 6.89 36.30 6.41
N SER D 187 7.75 37.05 7.07
CA SER D 187 8.70 37.90 6.43
C SER D 187 9.41 37.17 5.36
N GLY D 188 9.56 37.86 4.23
CA GLY D 188 10.30 37.30 3.12
C GLY D 188 9.54 36.29 2.26
N VAL D 189 8.42 35.78 2.77
CA VAL D 189 7.69 34.80 1.98
C VAL D 189 7.01 35.47 0.79
N PRO D 190 7.41 35.09 -0.43
CA PRO D 190 6.78 35.70 -1.61
C PRO D 190 5.22 35.47 -1.70
N ASP D 191 4.49 36.53 -2.07
CA ASP D 191 3.00 36.48 -2.18
C ASP D 191 2.40 35.38 -3.08
N ARG D 192 3.26 34.67 -3.79
CA ARG D 192 2.82 33.55 -4.58
C ARG D 192 2.41 32.40 -3.62
N PHE D 193 2.64 32.58 -2.30
CA PHE D 193 2.25 31.58 -1.30
C PHE D 193 0.97 32.08 -0.68
N SER D 194 -0.01 31.23 -0.53
CA SER D 194 -1.26 31.68 0.06
C SER D 194 -1.77 30.49 0.86
N GLY D 195 -2.57 30.74 1.89
CA GLY D 195 -3.10 29.67 2.68
C GLY D 195 -4.50 29.98 3.16
N SER D 196 -5.30 28.94 3.32
CA SER D 196 -6.63 29.09 3.82
C SER D 196 -7.04 27.78 4.40
N GLY D 197 -8.15 27.79 5.08
CA GLY D 197 -8.70 26.56 5.61
C GLY D 197 -9.52 26.93 6.82
N SER D 198 -10.38 26.04 7.27
CA SER D 198 -11.12 26.31 8.45
C SER D 198 -11.22 25.02 9.17
N GLY D 199 -11.32 25.14 10.49
CA GLY D 199 -11.48 24.01 11.38
C GLY D 199 -10.41 22.93 11.32
N THR D 200 -10.71 21.89 10.55
CA THR D 200 -9.80 20.75 10.37
C THR D 200 -9.31 20.69 8.94
N ASP D 201 -9.78 21.59 8.10
CA ASP D 201 -9.39 21.60 6.70
C ASP D 201 -8.68 22.88 6.35
N PHE D 202 -7.45 22.73 5.84
CA PHE D 202 -6.53 23.83 5.49
C PHE D 202 -5.76 23.47 4.22
N THR D 203 -5.43 24.46 3.37
CA THR D 203 -4.70 24.23 2.11
C THR D 203 -3.64 25.28 1.86
N LEU D 204 -2.46 24.89 1.38
CA LEU D 204 -1.39 25.81 1.06
C LEU D 204 -1.38 25.84 -0.44
N LYS D 205 -1.17 27.01 -1.01
CA LYS D 205 -1.20 27.13 -2.46
C LYS D 205 -0.05 27.96 -2.84
N ILE D 206 0.64 27.51 -3.87
CA ILE D 206 1.76 28.24 -4.42
C ILE D 206 1.25 28.49 -5.86
N SER D 207 1.09 29.76 -6.23
CA SER D 207 0.50 30.07 -7.52
C SER D 207 1.34 29.90 -8.76
N ARG D 208 2.64 29.81 -8.58
CA ARG D 208 3.49 29.66 -9.74
C ARG D 208 4.87 29.16 -9.33
N VAL D 209 4.93 27.88 -8.97
CA VAL D 209 6.13 27.20 -8.52
C VAL D 209 7.44 27.62 -9.19
N GLU D 210 8.42 27.85 -8.29
CA GLU D 210 9.79 28.25 -8.62
C GLU D 210 10.66 27.16 -8.03
N ALA D 211 11.84 26.95 -8.59
CA ALA D 211 12.77 25.90 -8.15
C ALA D 211 13.04 25.95 -6.66
N GLU D 212 13.25 27.16 -6.15
CA GLU D 212 13.50 27.45 -4.73
C GLU D 212 12.43 26.89 -3.83
N ASP D 213 11.22 26.76 -4.37
CA ASP D 213 10.10 26.29 -3.57
C ASP D 213 10.07 24.79 -3.40
N LEU D 214 10.98 24.12 -4.13
CA LEU D 214 11.10 22.67 -4.10
C LEU D 214 11.64 22.17 -2.74
N GLY D 215 10.87 21.28 -2.12
CA GLY D 215 11.20 20.69 -0.86
C GLY D 215 10.05 19.97 -0.17
N VAL D 216 10.18 19.79 1.15
CA VAL D 216 9.15 19.11 1.93
C VAL D 216 8.51 20.22 2.70
N TYR D 217 7.18 20.11 2.86
CA TYR D 217 6.29 21.05 3.49
C TYR D 217 5.57 20.39 4.66
N PHE D 218 5.44 21.14 5.76
CA PHE D 218 4.82 20.62 6.98
C PHE D 218 3.72 21.51 7.54
N CYS D 219 2.53 20.99 7.79
CA CYS D 219 1.59 21.86 8.46
C CYS D 219 1.94 21.57 9.89
N SER D 220 1.29 22.25 10.83
CA SER D 220 1.53 22.04 12.26
C SER D 220 0.45 22.80 12.97
N GLN D 221 0.33 22.62 14.26
CA GLN D 221 -0.67 23.38 15.01
C GLN D 221 -0.09 23.73 16.39
N SER D 222 -0.61 24.79 17.00
CA SER D 222 -0.21 25.31 18.30
C SER D 222 -1.51 25.44 19.04
N THR D 223 -2.57 24.77 18.61
CA THR D 223 -3.80 24.98 19.37
C THR D 223 -3.82 24.08 20.55
N HIS D 224 -3.45 22.83 20.34
CA HIS D 224 -3.43 21.84 21.39
C HIS D 224 -1.98 21.49 21.74
N VAL D 225 -1.76 21.04 22.99
CA VAL D 225 -0.44 20.61 23.45
C VAL D 225 -0.51 19.11 23.41
N PRO D 226 0.52 18.49 22.85
CA PRO D 226 1.71 19.15 22.28
C PRO D 226 1.55 19.82 20.89
N PHE D 227 2.54 20.63 20.55
CA PHE D 227 2.58 21.27 19.26
C PHE D 227 2.92 20.11 18.35
N THR D 228 2.11 19.93 17.30
CA THR D 228 2.29 18.83 16.36
C THR D 228 2.55 19.24 14.88
N PHE D 229 3.31 18.42 14.17
CA PHE D 229 3.65 18.64 12.76
C PHE D 229 2.99 17.56 11.91
N GLY D 230 3.02 17.71 10.59
CA GLY D 230 2.47 16.72 9.70
C GLY D 230 3.64 15.92 9.15
N SER D 231 3.34 14.75 8.62
CA SER D 231 4.34 13.83 8.08
C SER D 231 5.18 14.35 6.92
N GLY D 232 4.70 15.44 6.30
CA GLY D 232 5.40 16.02 5.15
C GLY D 232 4.83 15.71 3.77
N THR D 233 5.13 16.56 2.79
CA THR D 233 4.67 16.39 1.42
C THR D 233 5.84 16.84 0.57
N LYS D 234 6.39 15.95 -0.23
CA LYS D 234 7.52 16.33 -1.04
C LYS D 234 7.14 17.03 -2.36
N LEU D 235 7.28 18.34 -2.41
CA LEU D 235 6.98 19.03 -3.65
C LEU D 235 8.19 18.86 -4.55
N GLU D 236 8.07 18.10 -5.62
CA GLU D 236 9.21 17.95 -6.52
C GLU D 236 8.99 18.24 -8.00
N LEU D 237 10.08 18.24 -8.77
CA LEU D 237 10.01 18.48 -10.19
C LEU D 237 9.60 17.25 -10.94
N LYS D 238 8.74 17.40 -11.93
CA LYS D 238 8.30 16.27 -12.72
C LYS D 238 9.46 15.91 -13.65
#